data_9FVC
#
_entry.id   9FVC
#
_cell.length_a   169.607
_cell.length_b   72.366
_cell.length_c   85.604
_cell.angle_alpha   90.000
_cell.angle_beta   90.000
_cell.angle_gamma   90.000
#
_symmetry.space_group_name_H-M   'P 21 21 2'
#
loop_
_entity.id
_entity.type
_entity.pdbx_description
1 polymer 'Sialic acid-binding periplasmic protein SiaP'
2 polymer VHH_VcP#2
3 water water
#
loop_
_entity_poly.entity_id
_entity_poly.type
_entity_poly.pdbx_seq_one_letter_code
_entity_poly.pdbx_strand_id
1 'polypeptide(L)'
;ATTLKMGMQASVGSVEYNSAKMLADTLEEMSQGEIKLALYPSAQLGDDRAMLQQLTLGDLDITYAEFGRMGLWIPRAEAV
MLPYVAKDFDHLRRMFESDFGQGVRDEMLQKFNWRALDTWYNGTRETTSNRPLNSIEDFKGLKLRVPNAKQNLNYAKLSG
ASPTPMSFSEVYLALQTNAVDGQENPLPTIKTMKFYEVQKNLAMTHHIVNDQMVIISESTWQKLSDTDKDIIQKAVQKVG
DAHTQTVKTQEAELVSFFKSEGINVTYPDLEPFREAMQPLYKEFDSNIGQPIVSKLAAM
;
A,B
2 'polypeptide(L)'
;QVQLVESGGGLVQAGGSLRLSCAASGRTFSSSTMGWFRQAPGKEREFVAGISWSDGSTYYADSVKGRFTISRDNAKNTVY
LQMNSLKPEDSAVYYCAAERWLATPQAMAVTPNALDAWGQGTQVTVSSGGYPYDVPDYAGHHHHHH
;
H,C
#
# COMPACT_ATOMS: atom_id res chain seq x y z
N ALA A 1 -28.72 8.07 -13.74
CA ALA A 1 -28.38 7.30 -12.51
C ALA A 1 -29.33 7.64 -11.37
N THR A 2 -29.35 6.77 -10.37
CA THR A 2 -30.25 6.88 -9.23
C THR A 2 -29.45 6.99 -7.95
N THR A 3 -29.86 7.90 -7.08
CA THR A 3 -29.21 8.10 -5.79
C THR A 3 -30.17 7.73 -4.68
N LEU A 4 -29.75 6.80 -3.84
CA LEU A 4 -30.51 6.37 -2.68
C LEU A 4 -29.92 6.97 -1.41
N LYS A 5 -30.79 7.39 -0.50
CA LYS A 5 -30.37 8.01 0.75
C LYS A 5 -30.38 6.97 1.88
N MET A 6 -29.27 6.85 2.59
CA MET A 6 -29.12 5.90 3.70
C MET A 6 -28.70 6.68 4.94
N GLY A 7 -29.45 6.52 6.02
CA GLY A 7 -29.23 7.26 7.24
C GLY A 7 -28.91 6.27 8.40
N MET A 8 -28.15 6.76 9.36
CA MET A 8 -27.74 5.89 10.46
C MET A 8 -27.27 6.74 11.63
N GLN A 9 -27.42 6.17 12.82
CA GLN A 9 -26.95 6.82 14.04
C GLN A 9 -25.44 6.69 14.21
N ALA A 10 -24.80 5.73 13.56
CA ALA A 10 -23.36 5.55 13.74
C ALA A 10 -22.61 6.65 13.01
N SER A 11 -21.35 6.84 13.41
CA SER A 11 -20.55 7.94 12.90
C SER A 11 -19.45 7.44 11.98
N VAL A 12 -18.75 8.40 11.39
CA VAL A 12 -17.58 8.06 10.58
C VAL A 12 -16.59 7.26 11.41
N GLY A 13 -16.00 6.26 10.78
CA GLY A 13 -15.05 5.40 11.43
C GLY A 13 -15.66 4.20 12.12
N SER A 14 -16.99 4.13 12.21
CA SER A 14 -17.61 2.97 12.81
C SER A 14 -17.75 1.85 11.80
N VAL A 15 -18.01 0.65 12.33
CA VAL A 15 -18.18 -0.51 11.47
C VAL A 15 -19.48 -0.41 10.68
N GLU A 16 -20.55 0.05 11.32
CA GLU A 16 -21.80 0.25 10.60
C GLU A 16 -21.58 1.18 9.41
N TYR A 17 -20.81 2.25 9.63
CA TYR A 17 -20.60 3.23 8.58
C TYR A 17 -19.63 2.73 7.51
N ASN A 18 -18.60 2.01 7.94
CA ASN A 18 -17.68 1.45 6.95
C ASN A 18 -18.38 0.43 6.07
N SER A 19 -19.33 -0.32 6.64
CA SER A 19 -20.09 -1.28 5.84
C SER A 19 -21.06 -0.58 4.89
N ALA A 20 -21.58 0.59 5.29
CA ALA A 20 -22.41 1.36 4.38
C ALA A 20 -21.61 1.86 3.19
N LYS A 21 -20.36 2.26 3.43
CA LYS A 21 -19.50 2.70 2.33
C LYS A 21 -19.11 1.53 1.43
N MET A 22 -18.88 0.35 2.02
CA MET A 22 -18.66 -0.84 1.19
C MET A 22 -19.90 -1.16 0.36
N LEU A 23 -21.09 -0.98 0.93
CA LEU A 23 -22.33 -1.13 0.15
C LEU A 23 -22.37 -0.11 -0.98
N ALA A 24 -22.00 1.14 -0.70
CA ALA A 24 -21.97 2.15 -1.74
C ALA A 24 -20.96 1.79 -2.83
N ASP A 25 -19.78 1.31 -2.44
CA ASP A 25 -18.82 0.86 -3.44
C ASP A 25 -19.38 -0.30 -4.24
N THR A 26 -20.05 -1.23 -3.55
CA THR A 26 -20.55 -2.43 -4.22
C THR A 26 -21.71 -2.10 -5.15
N LEU A 27 -22.53 -1.11 -4.78
CA LEU A 27 -23.62 -0.72 -5.66
C LEU A 27 -23.10 0.04 -6.88
N GLU A 28 -22.02 0.81 -6.71
CA GLU A 28 -21.41 1.45 -7.87
C GLU A 28 -20.87 0.41 -8.84
N GLU A 29 -20.23 -0.63 -8.31
CA GLU A 29 -19.64 -1.65 -9.17
C GLU A 29 -20.71 -2.45 -9.89
N MET A 30 -21.67 -2.99 -9.14
CA MET A 30 -22.63 -3.92 -9.72
C MET A 30 -23.64 -3.24 -10.62
N SER A 31 -23.72 -1.91 -10.62
CA SER A 31 -24.66 -1.20 -11.46
C SER A 31 -23.97 -0.28 -12.47
N GLN A 32 -22.65 -0.36 -12.59
CA GLN A 32 -21.93 0.54 -13.49
C GLN A 32 -22.27 2.00 -13.18
N GLY A 33 -22.53 2.27 -11.90
CA GLY A 33 -22.84 3.62 -11.48
C GLY A 33 -24.28 4.05 -11.68
N GLU A 34 -25.15 3.15 -12.12
CA GLU A 34 -26.57 3.49 -12.24
C GLU A 34 -27.21 3.69 -10.87
N ILE A 35 -26.60 3.11 -9.83
CA ILE A 35 -27.04 3.29 -8.45
C ILE A 35 -25.90 3.92 -7.66
N LYS A 36 -26.20 5.02 -6.97
CA LYS A 36 -25.27 5.64 -6.04
C LYS A 36 -25.96 5.80 -4.70
N LEU A 37 -25.16 5.76 -3.62
CA LEU A 37 -25.69 5.74 -2.26
C LEU A 37 -25.13 6.92 -1.48
N ALA A 38 -26.03 7.76 -0.95
CA ALA A 38 -25.66 8.94 -0.19
C ALA A 38 -25.91 8.68 1.30
N LEU A 39 -24.90 8.93 2.12
CA LEU A 39 -24.88 8.50 3.51
C LEU A 39 -25.06 9.68 4.46
N TYR A 40 -25.99 9.52 5.42
CA TYR A 40 -26.30 10.55 6.42
C TYR A 40 -26.02 9.95 7.79
N PRO A 41 -24.80 10.08 8.31
CA PRO A 41 -24.52 9.45 9.60
C PRO A 41 -24.72 10.35 10.81
N SER A 42 -24.35 9.83 11.98
CA SER A 42 -24.32 10.61 13.21
C SER A 42 -25.70 11.11 13.60
N ALA A 43 -26.74 10.35 13.26
CA ALA A 43 -28.10 10.69 13.66
C ALA A 43 -28.45 12.12 13.22
N GLN A 44 -27.87 12.56 12.11
CA GLN A 44 -28.13 13.91 11.63
C GLN A 44 -29.58 14.08 11.18
N LEU A 45 -30.24 12.99 10.78
CA LEU A 45 -31.64 13.03 10.42
C LEU A 45 -32.56 12.62 11.56
N GLY A 46 -31.99 12.32 12.72
CA GLY A 46 -32.76 11.83 13.86
C GLY A 46 -32.30 10.44 14.27
N ASP A 47 -33.01 9.90 15.24
CA ASP A 47 -32.64 8.59 15.76
C ASP A 47 -33.27 7.50 14.88
N ASP A 48 -33.10 6.25 15.29
CA ASP A 48 -33.60 5.16 14.46
C ASP A 48 -35.11 5.21 14.32
N ARG A 49 -35.82 5.62 15.37
CA ARG A 49 -37.27 5.78 15.24
C ARG A 49 -37.62 6.84 14.22
N ALA A 50 -36.85 7.92 14.15
CA ALA A 50 -37.15 9.00 13.21
C ALA A 50 -36.84 8.58 11.78
N MET A 51 -35.69 7.96 11.55
CA MET A 51 -35.35 7.51 10.20
C MET A 51 -36.24 6.37 9.75
N LEU A 52 -36.78 5.59 10.69
CA LEU A 52 -37.75 4.57 10.31
C LEU A 52 -39.06 5.20 9.87
N GLN A 53 -39.48 6.30 10.51
CA GLN A 53 -40.67 6.99 10.04
C GLN A 53 -40.42 7.62 8.67
N GLN A 54 -39.19 8.09 8.44
CA GLN A 54 -38.85 8.65 7.14
C GLN A 54 -38.90 7.59 6.04
N LEU A 55 -38.56 6.34 6.38
CA LEU A 55 -38.74 5.25 5.43
C LEU A 55 -40.21 4.95 5.19
N THR A 56 -41.03 5.03 6.25
CA THR A 56 -42.46 4.82 6.07
C THR A 56 -43.05 5.83 5.09
N LEU A 57 -42.61 7.08 5.17
CA LEU A 57 -43.16 8.12 4.30
C LEU A 57 -42.44 8.22 2.96
N GLY A 58 -41.37 7.46 2.77
CA GLY A 58 -40.57 7.57 1.57
C GLY A 58 -39.54 8.67 1.55
N ASP A 59 -39.36 9.41 2.66
CA ASP A 59 -38.39 10.50 2.66
C ASP A 59 -36.95 10.02 2.82
N LEU A 60 -36.74 8.79 3.28
CA LEU A 60 -35.44 8.18 3.38
C LEU A 60 -35.51 6.79 2.77
N ASP A 61 -34.45 6.38 2.07
CA ASP A 61 -34.55 5.15 1.30
C ASP A 61 -34.14 3.94 2.11
N ILE A 62 -33.03 4.04 2.85
CA ILE A 62 -32.48 2.90 3.58
C ILE A 62 -32.07 3.36 4.98
N THR A 63 -32.08 2.40 5.92
CA THR A 63 -31.57 2.66 7.26
C THR A 63 -31.34 1.36 8.00
N TYR A 64 -30.67 1.45 9.14
CA TYR A 64 -30.45 0.31 10.02
C TYR A 64 -31.49 0.22 11.12
N ALA A 65 -31.69 -0.98 11.65
CA ALA A 65 -32.46 -1.14 12.88
C ALA A 65 -32.32 -2.57 13.38
N GLU A 66 -32.32 -2.70 14.71
CA GLU A 66 -32.29 -4.00 15.35
C GLU A 66 -33.65 -4.69 15.26
N PHE A 67 -33.61 -6.03 15.16
CA PHE A 67 -34.85 -6.80 15.13
C PHE A 67 -35.69 -6.53 16.37
N GLY A 68 -35.08 -6.59 17.55
CA GLY A 68 -35.83 -6.36 18.78
C GLY A 68 -36.41 -4.96 18.87
N ARG A 69 -35.75 -3.98 18.24
CA ARG A 69 -36.24 -2.61 18.28
C ARG A 69 -37.61 -2.49 17.63
N MET A 70 -37.96 -3.41 16.74
CA MET A 70 -39.32 -3.42 16.20
C MET A 70 -40.37 -3.60 17.28
N GLY A 71 -39.96 -4.00 18.48
CA GLY A 71 -40.90 -4.23 19.56
C GLY A 71 -41.67 -2.99 19.98
N LEU A 72 -41.16 -1.82 19.57
CA LEU A 72 -41.89 -0.58 19.85
C LEU A 72 -43.17 -0.49 19.02
N TRP A 73 -43.16 -1.07 17.82
CA TRP A 73 -44.32 -1.10 16.94
C TRP A 73 -44.94 -2.48 16.83
N ILE A 74 -44.14 -3.53 16.96
CA ILE A 74 -44.58 -4.91 16.79
C ILE A 74 -44.18 -5.66 18.06
N PRO A 75 -45.01 -5.66 19.11
CA PRO A 75 -44.50 -6.01 20.44
C PRO A 75 -43.89 -7.40 20.56
N ARG A 76 -44.31 -8.37 19.76
CA ARG A 76 -43.74 -9.70 19.93
C ARG A 76 -42.26 -9.74 19.55
N ALA A 77 -41.76 -8.73 18.84
CA ALA A 77 -40.39 -8.77 18.38
C ALA A 77 -39.39 -8.52 19.51
N GLU A 78 -39.84 -7.94 20.62
CA GLU A 78 -38.94 -7.71 21.74
C GLU A 78 -38.39 -9.01 22.29
N ALA A 79 -39.01 -10.15 21.97
CA ALA A 79 -38.58 -11.40 22.57
C ALA A 79 -37.11 -11.67 22.27
N VAL A 80 -36.66 -11.30 21.07
CA VAL A 80 -35.33 -11.69 20.67
C VAL A 80 -34.25 -10.88 21.39
N MET A 81 -34.63 -9.78 22.04
CA MET A 81 -33.68 -8.97 22.79
C MET A 81 -33.84 -9.15 24.31
N LEU A 82 -34.64 -10.11 24.74
CA LEU A 82 -34.62 -10.51 26.15
C LEU A 82 -33.28 -11.20 26.44
N PRO A 83 -32.66 -10.93 27.58
CA PRO A 83 -31.33 -11.52 27.83
C PRO A 83 -31.35 -13.04 27.67
N TYR A 84 -30.38 -13.53 26.89
CA TYR A 84 -30.04 -14.95 26.82
C TYR A 84 -31.04 -15.77 26.04
N VAL A 85 -32.00 -15.09 25.42
CA VAL A 85 -32.86 -15.76 24.45
C VAL A 85 -32.04 -16.17 23.23
N ALA A 86 -31.31 -15.21 22.65
CA ALA A 86 -30.41 -15.50 21.55
C ALA A 86 -29.09 -16.05 22.09
N LYS A 87 -28.74 -17.28 21.72
CA LYS A 87 -27.53 -17.89 22.25
C LYS A 87 -26.28 -17.35 21.56
N ASP A 88 -26.35 -17.20 20.24
CA ASP A 88 -25.29 -16.57 19.45
C ASP A 88 -25.96 -15.97 18.23
N PHE A 89 -25.15 -15.49 17.30
CA PHE A 89 -25.76 -14.76 16.18
C PHE A 89 -26.47 -15.71 15.24
N ASP A 90 -25.93 -16.92 15.04
CA ASP A 90 -26.57 -17.86 14.15
C ASP A 90 -27.94 -18.27 14.68
N HIS A 91 -28.13 -18.24 16.01
CA HIS A 91 -29.46 -18.45 16.58
C HIS A 91 -30.37 -17.28 16.29
N LEU A 92 -29.88 -16.04 16.48
CA LEU A 92 -30.66 -14.87 16.14
C LEU A 92 -30.96 -14.83 14.65
N ARG A 93 -30.04 -15.35 13.83
CA ARG A 93 -30.30 -15.43 12.40
C ARG A 93 -31.38 -16.46 12.09
N ARG A 94 -31.33 -17.62 12.77
CA ARG A 94 -32.38 -18.61 12.58
C ARG A 94 -33.75 -18.10 13.05
N MET A 95 -33.78 -17.14 14.00
CA MET A 95 -35.03 -16.54 14.41
C MET A 95 -35.53 -15.56 13.35
N PHE A 96 -34.61 -14.79 12.76
CA PHE A 96 -34.91 -13.92 11.64
C PHE A 96 -35.52 -14.69 10.47
N GLU A 97 -35.00 -15.88 10.16
CA GLU A 97 -35.50 -16.68 9.05
C GLU A 97 -36.68 -17.58 9.43
N SER A 98 -37.06 -17.61 10.70
CA SER A 98 -38.11 -18.52 11.12
C SER A 98 -39.49 -18.00 10.71
N ASP A 99 -40.48 -18.85 10.90
CA ASP A 99 -41.88 -18.44 10.75
C ASP A 99 -42.18 -17.21 11.61
N PHE A 100 -41.64 -17.16 12.82
CA PHE A 100 -41.81 -16.00 13.69
C PHE A 100 -41.18 -14.76 13.07
N GLY A 101 -39.95 -14.90 12.55
CA GLY A 101 -39.28 -13.77 11.94
C GLY A 101 -39.98 -13.30 10.68
N GLN A 102 -40.40 -14.24 9.82
CA GLN A 102 -41.11 -13.86 8.61
C GLN A 102 -42.41 -13.14 8.93
N GLY A 103 -43.10 -13.56 10.00
CA GLY A 103 -44.33 -12.90 10.37
C GLY A 103 -44.10 -11.47 10.84
N VAL A 104 -43.01 -11.26 11.58
CA VAL A 104 -42.64 -9.89 11.96
C VAL A 104 -42.26 -9.09 10.73
N ARG A 105 -41.43 -9.68 9.85
CA ARG A 105 -41.01 -8.96 8.66
C ARG A 105 -42.16 -8.73 7.69
N ASP A 106 -43.19 -9.60 7.71
CA ASP A 106 -44.39 -9.30 6.95
C ASP A 106 -45.15 -8.13 7.54
N GLU A 107 -45.29 -8.09 8.88
CA GLU A 107 -46.00 -7.00 9.52
C GLU A 107 -45.24 -5.68 9.41
N MET A 108 -43.91 -5.73 9.43
CA MET A 108 -43.12 -4.53 9.16
C MET A 108 -43.49 -3.95 7.80
N LEU A 109 -43.59 -4.81 6.78
CA LEU A 109 -43.83 -4.34 5.41
C LEU A 109 -45.25 -3.83 5.23
N GLN A 110 -46.24 -4.66 5.59
CA GLN A 110 -47.62 -4.32 5.30
C GLN A 110 -48.08 -3.11 6.10
N LYS A 111 -47.57 -2.93 7.31
CA LYS A 111 -48.04 -1.84 8.15
C LYS A 111 -47.22 -0.57 8.02
N PHE A 112 -45.90 -0.71 7.86
CA PHE A 112 -45.01 0.42 7.99
C PHE A 112 -44.11 0.64 6.78
N ASN A 113 -44.26 -0.14 5.71
CA ASN A 113 -43.52 0.09 4.49
C ASN A 113 -42.02 -0.09 4.70
N TRP A 114 -41.66 -1.01 5.60
CA TRP A 114 -40.27 -1.34 5.86
C TRP A 114 -40.00 -2.72 5.28
N ARG A 115 -39.15 -2.80 4.26
CA ARG A 115 -38.72 -4.08 3.70
C ARG A 115 -37.34 -4.39 4.26
N ALA A 116 -37.25 -5.43 5.10
CA ALA A 116 -35.98 -5.85 5.68
C ALA A 116 -35.26 -6.77 4.71
N LEU A 117 -34.08 -6.36 4.23
CA LEU A 117 -33.40 -7.14 3.21
C LEU A 117 -32.46 -8.20 3.80
N ASP A 118 -31.98 -8.01 5.03
CA ASP A 118 -30.95 -8.86 5.59
C ASP A 118 -30.77 -8.47 7.04
N THR A 119 -30.05 -9.29 7.78
CA THR A 119 -29.68 -8.98 9.15
C THR A 119 -28.20 -9.28 9.34
N TRP A 120 -27.50 -8.39 10.03
CA TRP A 120 -26.05 -8.49 10.18
C TRP A 120 -25.68 -8.59 11.65
N TYR A 121 -24.61 -9.33 11.96
CA TYR A 121 -24.12 -9.42 13.34
C TYR A 121 -23.41 -8.12 13.71
N ASN A 122 -23.79 -7.55 14.87
CA ASN A 122 -23.27 -6.27 15.31
C ASN A 122 -22.65 -6.34 16.71
N GLY A 123 -22.36 -7.54 17.20
CA GLY A 123 -21.60 -7.69 18.42
C GLY A 123 -22.44 -8.20 19.57
N THR A 124 -21.73 -8.57 20.64
CA THR A 124 -22.30 -9.14 21.84
C THR A 124 -21.80 -8.40 23.06
N ARG A 125 -22.70 -8.13 24.00
CA ARG A 125 -22.32 -7.46 25.23
C ARG A 125 -21.69 -8.45 26.21
N GLU A 126 -20.60 -8.01 26.84
CA GLU A 126 -19.88 -8.80 27.83
C GLU A 126 -19.72 -7.95 29.09
N THR A 127 -19.28 -8.59 30.16
CA THR A 127 -19.29 -7.99 31.49
C THR A 127 -17.88 -7.95 32.08
N THR A 128 -17.46 -6.76 32.51
CA THR A 128 -16.19 -6.57 33.20
C THR A 128 -16.46 -6.32 34.68
N SER A 129 -15.46 -6.63 35.52
CA SER A 129 -15.65 -6.50 36.96
C SER A 129 -14.31 -6.43 37.66
N ASN A 130 -14.33 -5.90 38.89
CA ASN A 130 -13.11 -5.79 39.68
C ASN A 130 -12.73 -7.11 40.34
N ARG A 131 -13.63 -8.10 40.35
CA ARG A 131 -13.37 -9.43 40.86
C ARG A 131 -13.84 -10.46 39.84
N PRO A 132 -13.21 -11.63 39.81
CA PRO A 132 -13.55 -12.61 38.77
C PRO A 132 -14.96 -13.15 38.92
N LEU A 133 -15.61 -13.34 37.77
CA LEU A 133 -16.95 -13.92 37.68
C LEU A 133 -16.81 -15.25 36.95
N ASN A 134 -16.78 -16.35 37.70
CA ASN A 134 -16.65 -17.68 37.12
C ASN A 134 -17.98 -18.42 37.02
N SER A 135 -19.02 -17.91 37.65
CA SER A 135 -20.34 -18.51 37.57
C SER A 135 -21.36 -17.44 37.93
N ILE A 136 -22.64 -17.79 37.80
CA ILE A 136 -23.69 -16.84 38.12
C ILE A 136 -23.77 -16.57 39.63
N GLU A 137 -23.20 -17.46 40.45
CA GLU A 137 -23.16 -17.21 41.88
C GLU A 137 -22.30 -16.00 42.22
N ASP A 138 -21.28 -15.72 41.42
CA ASP A 138 -20.42 -14.58 41.70
C ASP A 138 -21.13 -13.25 41.50
N PHE A 139 -22.25 -13.23 40.76
CA PHE A 139 -22.94 -11.98 40.50
C PHE A 139 -23.67 -11.45 41.72
N LYS A 140 -23.84 -12.26 42.76
CA LYS A 140 -24.60 -11.83 43.93
C LYS A 140 -23.92 -10.64 44.58
N GLY A 141 -24.65 -9.54 44.71
CA GLY A 141 -24.13 -8.34 45.34
C GLY A 141 -23.31 -7.45 44.44
N LEU A 142 -23.11 -7.81 43.18
CA LEU A 142 -22.21 -7.08 42.30
C LEU A 142 -22.86 -5.76 41.87
N LYS A 143 -22.25 -4.66 42.28
CA LYS A 143 -22.63 -3.32 41.82
C LYS A 143 -22.27 -3.22 40.34
N LEU A 144 -23.28 -3.43 39.49
CA LEU A 144 -23.10 -3.55 38.04
C LEU A 144 -23.76 -2.36 37.35
N ARG A 145 -22.96 -1.58 36.63
CA ARG A 145 -23.49 -0.44 35.88
C ARG A 145 -24.19 -0.94 34.63
N VAL A 146 -25.41 -0.46 34.42
CA VAL A 146 -26.15 -0.75 33.19
C VAL A 146 -26.71 0.58 32.68
N PRO A 147 -26.94 0.74 31.39
CA PRO A 147 -27.73 1.89 30.93
C PRO A 147 -29.14 1.80 31.50
N ASN A 148 -29.80 2.95 31.62
CA ASN A 148 -31.19 2.97 32.08
C ASN A 148 -32.08 2.48 30.95
N ALA A 149 -32.05 1.16 30.74
CA ALA A 149 -32.80 0.51 29.68
C ALA A 149 -33.32 -0.82 30.20
N LYS A 150 -34.53 -1.18 29.76
CA LYS A 150 -35.30 -2.20 30.46
C LYS A 150 -34.55 -3.53 30.55
N GLN A 151 -34.04 -4.02 29.41
CA GLN A 151 -33.46 -5.36 29.40
C GLN A 151 -32.10 -5.42 30.07
N ASN A 152 -31.32 -4.34 30.02
CA ASN A 152 -30.05 -4.33 30.73
C ASN A 152 -30.27 -4.32 32.24
N LEU A 153 -31.32 -3.62 32.70
CA LEU A 153 -31.69 -3.70 34.11
C LEU A 153 -32.10 -5.12 34.47
N ASN A 154 -32.92 -5.76 33.62
CA ASN A 154 -33.41 -7.10 33.92
C ASN A 154 -32.27 -8.11 33.95
N TYR A 155 -31.27 -7.95 33.09
CA TYR A 155 -30.10 -8.84 33.14
C TYR A 155 -29.42 -8.74 34.50
N ALA A 156 -29.20 -7.53 35.00
CA ALA A 156 -28.53 -7.38 36.29
C ALA A 156 -29.42 -7.89 37.42
N LYS A 157 -30.71 -7.56 37.37
CA LYS A 157 -31.60 -7.94 38.46
C LYS A 157 -31.68 -9.45 38.61
N LEU A 158 -31.91 -10.16 37.50
CA LEU A 158 -32.19 -11.59 37.56
C LEU A 158 -30.94 -12.45 37.67
N SER A 159 -29.76 -11.92 37.35
CA SER A 159 -28.54 -12.66 37.65
C SER A 159 -28.13 -12.52 39.10
N GLY A 160 -28.82 -11.67 39.86
CA GLY A 160 -28.51 -11.44 41.26
C GLY A 160 -27.63 -10.24 41.54
N ALA A 161 -27.29 -9.45 40.54
CA ALA A 161 -26.44 -8.30 40.76
C ALA A 161 -27.27 -7.11 41.25
N SER A 162 -26.57 -6.02 41.57
CA SER A 162 -27.20 -4.79 42.05
C SER A 162 -27.12 -3.74 40.94
N PRO A 163 -28.09 -3.69 40.02
CA PRO A 163 -28.02 -2.73 38.91
C PRO A 163 -27.87 -1.30 39.39
N THR A 164 -26.90 -0.57 38.79
CA THR A 164 -26.49 0.75 39.22
C THR A 164 -26.52 1.70 38.01
N PRO A 165 -27.68 2.31 37.75
CA PRO A 165 -27.74 3.32 36.67
C PRO A 165 -26.75 4.46 36.94
N MET A 166 -26.14 4.94 35.86
CA MET A 166 -25.07 5.94 35.96
C MET A 166 -24.81 6.48 34.57
N SER A 167 -24.65 7.81 34.48
CA SER A 167 -24.35 8.43 33.21
C SER A 167 -22.99 8.00 32.68
N PHE A 168 -22.93 7.77 31.37
CA PHE A 168 -21.79 7.11 30.75
C PHE A 168 -20.48 7.84 31.01
N SER A 169 -20.50 9.17 31.10
CA SER A 169 -19.25 9.89 31.33
C SER A 169 -18.69 9.66 32.72
N GLU A 170 -19.47 9.09 33.63
CA GLU A 170 -19.08 9.02 35.04
C GLU A 170 -18.54 7.66 35.43
N VAL A 171 -18.44 6.74 34.49
CA VAL A 171 -18.26 5.33 34.84
C VAL A 171 -16.79 5.00 35.05
N TYR A 172 -15.91 5.50 34.19
CA TYR A 172 -14.48 5.21 34.33
C TYR A 172 -14.01 5.52 35.75
N LEU A 173 -14.34 6.71 36.26
CA LEU A 173 -13.93 7.09 37.61
C LEU A 173 -14.64 6.25 38.66
N ALA A 174 -15.86 5.81 38.37
CA ALA A 174 -16.60 4.99 39.32
C ALA A 174 -16.02 3.58 39.40
N LEU A 175 -15.50 3.07 38.28
CA LEU A 175 -14.79 1.79 38.32
C LEU A 175 -13.41 1.95 38.95
N GLN A 176 -12.75 3.08 38.69
CA GLN A 176 -11.44 3.34 39.27
C GLN A 176 -11.52 3.39 40.80
N THR A 177 -12.52 4.11 41.32
CA THR A 177 -12.71 4.21 42.77
C THR A 177 -13.43 3.00 43.35
N ASN A 178 -13.80 2.02 42.53
CA ASN A 178 -14.57 0.87 42.97
C ASN A 178 -15.89 1.26 43.61
N ALA A 179 -16.39 2.47 43.33
CA ALA A 179 -17.76 2.79 43.70
C ALA A 179 -18.74 1.90 42.95
N VAL A 180 -18.36 1.46 41.75
CA VAL A 180 -19.10 0.44 41.01
C VAL A 180 -18.17 -0.75 40.81
N ASP A 181 -18.74 -1.95 40.87
CA ASP A 181 -17.90 -3.13 40.78
C ASP A 181 -17.65 -3.57 39.34
N GLY A 182 -18.57 -3.28 38.42
CA GLY A 182 -18.38 -3.68 37.05
C GLY A 182 -19.41 -3.02 36.14
N GLN A 183 -19.37 -3.42 34.87
CA GLN A 183 -20.29 -2.91 33.87
C GLN A 183 -20.38 -3.90 32.72
N GLU A 184 -21.35 -3.67 31.84
CA GLU A 184 -21.61 -4.58 30.72
C GLU A 184 -21.78 -3.79 29.43
N ASN A 185 -21.03 -4.19 28.40
CA ASN A 185 -21.01 -3.48 27.13
C ASN A 185 -20.38 -4.32 26.03
N PRO A 186 -20.44 -3.90 24.77
CA PRO A 186 -19.69 -4.61 23.73
C PRO A 186 -18.20 -4.37 23.91
N LEU A 187 -17.41 -5.30 23.40
CA LEU A 187 -15.96 -5.22 23.61
C LEU A 187 -15.33 -3.97 23.00
N PRO A 188 -15.68 -3.54 21.79
CA PRO A 188 -15.11 -2.30 21.26
C PRO A 188 -15.42 -1.09 22.13
N THR A 189 -16.57 -1.09 22.81
CA THR A 189 -16.86 -0.02 23.75
C THR A 189 -15.91 -0.08 24.94
N ILE A 190 -15.58 -1.29 25.38
CA ILE A 190 -14.72 -1.44 26.55
C ILE A 190 -13.33 -0.91 26.26
N LYS A 191 -12.82 -1.15 25.05
CA LYS A 191 -11.53 -0.56 24.69
C LYS A 191 -11.67 0.94 24.46
N THR A 192 -12.76 1.36 23.85
CA THR A 192 -12.93 2.78 23.52
C THR A 192 -12.88 3.63 24.78
N MET A 193 -13.67 3.28 25.79
CA MET A 193 -13.64 3.98 27.07
C MET A 193 -12.48 3.58 27.94
N LYS A 194 -11.62 2.65 27.49
CA LYS A 194 -10.46 2.25 28.28
C LYS A 194 -10.90 1.74 29.66
N PHE A 195 -12.09 1.15 29.71
CA PHE A 195 -12.55 0.50 30.94
C PHE A 195 -11.59 -0.61 31.37
N TYR A 196 -10.80 -1.16 30.44
CA TYR A 196 -9.90 -2.25 30.81
C TYR A 196 -8.77 -1.78 31.71
N GLU A 197 -8.46 -0.48 31.69
CA GLU A 197 -7.46 0.04 32.61
C GLU A 197 -7.91 -0.07 34.07
N VAL A 198 -9.22 -0.02 34.32
CA VAL A 198 -9.75 0.01 35.67
C VAL A 198 -10.61 -1.22 35.95
N GLN A 199 -10.41 -2.30 35.20
CA GLN A 199 -11.14 -3.54 35.41
C GLN A 199 -10.17 -4.68 35.21
N LYS A 200 -10.03 -5.55 36.23
CA LYS A 200 -9.08 -6.65 36.11
C LYS A 200 -9.68 -7.91 35.51
N ASN A 201 -11.00 -7.98 35.37
CA ASN A 201 -11.65 -9.21 34.93
C ASN A 201 -12.68 -8.90 33.84
N LEU A 202 -12.89 -9.89 32.98
CA LEU A 202 -13.83 -9.78 31.88
C LEU A 202 -14.51 -11.13 31.68
N ALA A 203 -15.81 -11.19 31.90
CA ALA A 203 -16.57 -12.42 31.75
C ALA A 203 -17.26 -12.44 30.40
N MET A 204 -17.04 -13.51 29.63
CA MET A 204 -17.79 -13.72 28.40
C MET A 204 -19.20 -14.17 28.76
N THR A 205 -20.03 -13.22 29.20
CA THR A 205 -21.38 -13.56 29.62
C THR A 205 -22.34 -13.70 28.44
N HIS A 206 -21.97 -13.20 27.27
CA HIS A 206 -22.81 -13.26 26.08
C HIS A 206 -24.29 -13.02 26.38
N HIS A 207 -24.60 -12.04 27.22
CA HIS A 207 -25.99 -11.96 27.67
C HIS A 207 -26.90 -11.30 26.67
N ILE A 208 -26.38 -10.43 25.80
CA ILE A 208 -27.19 -9.77 24.79
C ILE A 208 -26.46 -9.85 23.45
N VAL A 209 -27.13 -10.41 22.45
CA VAL A 209 -26.59 -10.49 21.10
C VAL A 209 -27.28 -9.43 20.25
N ASN A 210 -26.49 -8.68 19.49
CA ASN A 210 -26.99 -7.54 18.72
C ASN A 210 -26.92 -7.83 17.22
N ASP A 211 -27.92 -7.30 16.52
CA ASP A 211 -28.00 -7.40 15.07
C ASP A 211 -28.37 -6.04 14.51
N GLN A 212 -28.08 -5.86 13.24
CA GLN A 212 -28.58 -4.74 12.45
C GLN A 212 -29.33 -5.32 11.26
N MET A 213 -30.62 -5.03 11.16
CA MET A 213 -31.32 -5.27 9.91
C MET A 213 -31.03 -4.14 8.94
N VAL A 214 -30.95 -4.47 7.66
CA VAL A 214 -30.84 -3.46 6.61
C VAL A 214 -32.23 -3.31 5.98
N ILE A 215 -32.83 -2.15 6.14
CA ILE A 215 -34.21 -1.90 5.75
C ILE A 215 -34.24 -0.87 4.63
N ILE A 216 -35.01 -1.16 3.59
CA ILE A 216 -35.25 -0.24 2.49
C ILE A 216 -36.73 0.07 2.44
N SER A 217 -37.07 1.30 2.09
CA SER A 217 -38.47 1.69 2.02
C SER A 217 -39.17 0.96 0.89
N GLU A 218 -40.35 0.39 1.20
CA GLU A 218 -41.15 -0.24 0.17
C GLU A 218 -41.59 0.77 -0.89
N SER A 219 -41.75 2.04 -0.52
CA SER A 219 -42.07 3.05 -1.53
C SER A 219 -40.91 3.22 -2.50
N THR A 220 -39.67 3.05 -2.04
CA THR A 220 -38.53 3.09 -2.94
C THR A 220 -38.41 1.79 -3.71
N TRP A 221 -38.67 0.67 -3.04
CA TRP A 221 -38.58 -0.64 -3.66
C TRP A 221 -39.56 -0.77 -4.83
N GLN A 222 -40.78 -0.27 -4.66
CA GLN A 222 -41.75 -0.34 -5.76
C GLN A 222 -41.35 0.54 -6.94
N LYS A 223 -40.54 1.58 -6.72
CA LYS A 223 -40.09 2.42 -7.83
C LYS A 223 -38.88 1.85 -8.55
N LEU A 224 -38.20 0.87 -7.96
CA LEU A 224 -36.95 0.38 -8.52
C LEU A 224 -37.23 -0.69 -9.57
N SER A 225 -36.32 -0.78 -10.55
CA SER A 225 -36.42 -1.85 -11.53
C SER A 225 -36.03 -3.18 -10.91
N ASP A 226 -36.58 -4.26 -11.46
CA ASP A 226 -36.31 -5.59 -10.92
C ASP A 226 -34.85 -5.98 -11.06
N THR A 227 -34.15 -5.42 -12.05
CA THR A 227 -32.71 -5.61 -12.09
C THR A 227 -32.05 -4.92 -10.91
N ASP A 228 -32.44 -3.68 -10.63
CA ASP A 228 -31.88 -2.96 -9.49
C ASP A 228 -32.20 -3.67 -8.19
N LYS A 229 -33.44 -4.16 -8.03
CA LYS A 229 -33.79 -4.91 -6.83
C LYS A 229 -32.81 -6.06 -6.60
N ASP A 230 -32.48 -6.78 -7.67
CA ASP A 230 -31.55 -7.90 -7.57
C ASP A 230 -30.15 -7.43 -7.25
N ILE A 231 -29.73 -6.30 -7.84
CA ILE A 231 -28.41 -5.75 -7.52
C ILE A 231 -28.35 -5.39 -6.05
N ILE A 232 -29.40 -4.74 -5.54
CA ILE A 232 -29.39 -4.30 -4.15
C ILE A 232 -29.40 -5.51 -3.22
N GLN A 233 -30.31 -6.46 -3.48
CA GLN A 233 -30.37 -7.66 -2.65
C GLN A 233 -29.01 -8.35 -2.58
N LYS A 234 -28.34 -8.51 -3.72
CA LYS A 234 -27.06 -9.21 -3.73
C LYS A 234 -25.97 -8.40 -3.04
N ALA A 235 -26.00 -7.08 -3.19
CA ALA A 235 -24.97 -6.25 -2.56
C ALA A 235 -25.09 -6.28 -1.05
N VAL A 236 -26.32 -6.26 -0.54
CA VAL A 236 -26.52 -6.27 0.90
C VAL A 236 -26.04 -7.57 1.51
N GLN A 237 -26.31 -8.69 0.83
CA GLN A 237 -25.86 -9.98 1.36
C GLN A 237 -24.34 -10.07 1.33
N LYS A 238 -23.71 -9.56 0.27
CA LYS A 238 -22.26 -9.62 0.18
C LYS A 238 -21.62 -8.80 1.29
N VAL A 239 -22.17 -7.62 1.55
CA VAL A 239 -21.59 -6.74 2.55
C VAL A 239 -21.91 -7.22 3.95
N GLY A 240 -23.04 -7.89 4.13
CA GLY A 240 -23.37 -8.43 5.43
C GLY A 240 -22.42 -9.54 5.86
N ASP A 241 -22.07 -10.42 4.93
CA ASP A 241 -21.03 -11.40 5.21
C ASP A 241 -19.77 -10.73 5.72
N ALA A 242 -19.33 -9.68 5.04
CA ALA A 242 -18.09 -9.01 5.45
C ALA A 242 -18.29 -8.25 6.76
N HIS A 243 -19.45 -7.63 6.95
CA HIS A 243 -19.71 -6.92 8.19
C HIS A 243 -19.70 -7.88 9.37
N THR A 244 -20.38 -9.02 9.22
CA THR A 244 -20.39 -10.01 10.29
C THR A 244 -18.98 -10.52 10.58
N GLN A 245 -18.19 -10.73 9.53
CA GLN A 245 -16.83 -11.22 9.72
C GLN A 245 -15.95 -10.17 10.37
N THR A 246 -16.18 -8.90 10.04
CA THR A 246 -15.39 -7.83 10.63
C THR A 246 -15.65 -7.73 12.13
N VAL A 247 -16.92 -7.81 12.52
CA VAL A 247 -17.25 -7.75 13.94
C VAL A 247 -16.70 -8.96 14.68
N LYS A 248 -16.88 -10.15 14.12
CA LYS A 248 -16.35 -11.35 14.76
C LYS A 248 -14.84 -11.26 14.88
N THR A 249 -14.18 -10.66 13.90
CA THR A 249 -12.72 -10.55 13.94
C THR A 249 -12.28 -9.57 15.02
N GLN A 250 -12.96 -8.42 15.12
CA GLN A 250 -12.54 -7.41 16.09
C GLN A 250 -12.75 -7.87 17.52
N GLU A 251 -13.83 -8.62 17.76
CA GLU A 251 -14.03 -9.20 19.09
C GLU A 251 -12.91 -10.17 19.44
N ALA A 252 -12.53 -11.04 18.51
CA ALA A 252 -11.41 -11.93 18.78
C ALA A 252 -10.12 -11.14 19.00
N GLU A 253 -9.92 -10.06 18.24
CA GLU A 253 -8.72 -9.26 18.45
C GLU A 253 -8.76 -8.53 19.78
N LEU A 254 -9.95 -8.13 20.22
CA LEU A 254 -10.06 -7.40 21.48
C LEU A 254 -9.85 -8.32 22.67
N VAL A 255 -10.39 -9.53 22.60
CA VAL A 255 -10.12 -10.50 23.66
C VAL A 255 -8.62 -10.76 23.76
N SER A 256 -7.94 -10.88 22.61
CA SER A 256 -6.49 -11.09 22.64
C SER A 256 -5.76 -9.86 23.17
N PHE A 257 -6.30 -8.67 22.90
CA PHE A 257 -5.73 -7.44 23.45
C PHE A 257 -5.90 -7.40 24.97
N PHE A 258 -7.08 -7.76 25.46
CA PHE A 258 -7.34 -7.75 26.90
C PHE A 258 -6.51 -8.81 27.62
N LYS A 259 -6.32 -9.99 27.00
CA LYS A 259 -5.43 -10.98 27.57
C LYS A 259 -3.99 -10.49 27.59
N SER A 260 -3.58 -9.74 26.57
CA SER A 260 -2.21 -9.24 26.53
C SER A 260 -1.98 -8.13 27.55
N GLU A 261 -3.03 -7.40 27.92
CA GLU A 261 -2.93 -6.33 28.90
C GLU A 261 -3.12 -6.81 30.33
N GLY A 262 -3.21 -8.13 30.55
CA GLY A 262 -3.28 -8.66 31.89
C GLY A 262 -4.67 -8.89 32.42
N ILE A 263 -5.69 -8.81 31.55
CA ILE A 263 -7.06 -8.98 32.02
C ILE A 263 -7.35 -10.46 32.16
N ASN A 264 -8.00 -10.83 33.25
CA ASN A 264 -8.47 -12.19 33.44
C ASN A 264 -9.81 -12.36 32.75
N VAL A 265 -9.83 -13.18 31.69
CA VAL A 265 -11.03 -13.45 30.91
C VAL A 265 -11.63 -14.77 31.40
N THR A 266 -12.88 -14.71 31.84
CA THR A 266 -13.60 -15.88 32.32
C THR A 266 -14.71 -16.27 31.36
N TYR A 267 -15.00 -17.56 31.32
CA TYR A 267 -16.03 -18.15 30.45
C TYR A 267 -17.02 -18.94 31.30
N PRO A 268 -17.97 -18.27 31.95
CA PRO A 268 -18.90 -19.02 32.81
C PRO A 268 -19.89 -19.84 32.02
N ASP A 269 -20.38 -20.91 32.65
CA ASP A 269 -21.48 -21.68 32.08
C ASP A 269 -22.74 -20.81 32.05
N LEU A 270 -23.37 -20.71 30.88
CA LEU A 270 -24.47 -19.76 30.69
C LEU A 270 -25.84 -20.35 30.88
N GLU A 271 -25.96 -21.68 30.97
CA GLU A 271 -27.28 -22.26 31.20
C GLU A 271 -27.88 -21.82 32.51
N PRO A 272 -27.12 -21.68 33.61
CA PRO A 272 -27.70 -21.08 34.82
C PRO A 272 -28.26 -19.68 34.57
N PHE A 273 -27.60 -18.87 33.74
CA PHE A 273 -28.16 -17.57 33.38
C PHE A 273 -29.49 -17.72 32.66
N ARG A 274 -29.55 -18.62 31.67
CA ARG A 274 -30.79 -18.86 30.93
C ARG A 274 -31.93 -19.29 31.85
N GLU A 275 -31.63 -20.19 32.80
CA GLU A 275 -32.63 -20.60 33.78
C GLU A 275 -32.98 -19.46 34.73
N ALA A 276 -32.05 -18.53 34.98
CA ALA A 276 -32.33 -17.42 35.88
C ALA A 276 -33.19 -16.35 35.22
N MET A 277 -33.25 -16.34 33.89
CA MET A 277 -34.06 -15.34 33.19
C MET A 277 -35.51 -15.78 33.04
N GLN A 278 -35.85 -16.99 33.48
CA GLN A 278 -37.18 -17.51 33.21
C GLN A 278 -38.31 -16.65 33.74
N PRO A 279 -38.18 -15.99 34.89
CA PRO A 279 -39.25 -15.07 35.32
C PRO A 279 -39.55 -13.98 34.31
N LEU A 280 -38.51 -13.47 33.63
CA LEU A 280 -38.72 -12.46 32.59
C LEU A 280 -39.33 -13.06 31.34
N TYR A 281 -38.97 -14.29 30.98
CA TYR A 281 -39.64 -14.95 29.87
C TYR A 281 -41.12 -15.17 30.16
N LYS A 282 -41.45 -15.56 31.40
CA LYS A 282 -42.84 -15.78 31.75
C LYS A 282 -43.64 -14.49 31.68
N GLU A 283 -43.09 -13.39 32.22
CA GLU A 283 -43.76 -12.11 32.09
C GLU A 283 -44.04 -11.77 30.63
N PHE A 284 -43.12 -12.12 29.73
CA PHE A 284 -43.31 -11.80 28.32
C PHE A 284 -44.33 -12.75 27.68
N ASP A 285 -44.20 -14.05 27.94
CA ASP A 285 -45.14 -15.00 27.36
C ASP A 285 -46.56 -14.63 27.72
N SER A 286 -46.79 -14.15 28.94
CA SER A 286 -48.14 -13.90 29.40
C SER A 286 -48.68 -12.58 28.85
N ASN A 287 -47.84 -11.56 28.73
CA ASN A 287 -48.29 -10.28 28.21
C ASN A 287 -48.49 -10.31 26.72
N ILE A 288 -47.81 -11.22 26.03
CA ILE A 288 -47.92 -11.33 24.59
C ILE A 288 -48.98 -12.35 24.16
N GLY A 289 -49.50 -13.15 25.08
CA GLY A 289 -50.64 -14.01 24.82
C GLY A 289 -50.34 -15.33 24.14
N GLN A 290 -49.07 -15.72 24.05
CA GLN A 290 -48.67 -16.90 23.32
C GLN A 290 -47.32 -17.30 23.88
N PRO A 291 -47.05 -18.59 24.05
CA PRO A 291 -45.76 -18.99 24.64
C PRO A 291 -44.60 -18.90 23.67
N ILE A 292 -44.16 -17.67 23.38
CA ILE A 292 -43.24 -17.48 22.27
C ILE A 292 -41.81 -17.81 22.66
N VAL A 293 -41.40 -17.45 23.87
CA VAL A 293 -39.97 -17.48 24.16
C VAL A 293 -39.43 -18.90 24.18
N SER A 294 -40.15 -19.84 24.80
CA SER A 294 -39.70 -21.23 24.73
C SER A 294 -39.56 -21.67 23.29
N LYS A 295 -40.20 -20.93 22.41
CA LYS A 295 -40.22 -21.33 21.02
C LYS A 295 -38.99 -20.87 20.27
N LEU A 296 -38.57 -19.62 20.49
CA LEU A 296 -37.33 -19.10 19.90
C LEU A 296 -36.11 -19.78 20.50
N ALA A 297 -36.13 -20.06 21.80
CA ALA A 297 -34.96 -20.66 22.44
C ALA A 297 -34.67 -22.06 21.89
N ALA A 298 -35.70 -22.78 21.45
CA ALA A 298 -35.47 -24.17 21.05
C ALA A 298 -35.01 -24.31 19.60
N MET A 299 -34.96 -23.21 18.85
CA MET A 299 -34.54 -23.23 17.47
C MET A 299 -33.07 -23.62 17.40
N ALA B 1 -4.37 5.63 -10.40
CA ALA B 1 -2.91 5.35 -10.27
C ALA B 1 -2.30 5.15 -11.65
N THR B 2 -0.99 5.37 -11.73
CA THR B 2 -0.24 5.26 -12.97
C THR B 2 0.89 4.26 -12.79
N THR B 3 1.02 3.34 -13.72
CA THR B 3 2.08 2.33 -13.70
C THR B 3 3.07 2.63 -14.81
N LEU B 4 4.26 3.08 -14.43
CA LEU B 4 5.31 3.37 -15.40
C LEU B 4 6.17 2.13 -15.61
N LYS B 5 6.68 1.97 -16.83
CA LYS B 5 7.55 0.86 -17.18
C LYS B 5 9.00 1.36 -17.26
N MET B 6 9.91 0.63 -16.64
CA MET B 6 11.33 0.95 -16.66
C MET B 6 12.13 -0.26 -17.12
N GLY B 7 12.99 -0.06 -18.11
CA GLY B 7 13.80 -1.14 -18.67
C GLY B 7 15.25 -0.92 -18.40
N MET B 8 16.01 -2.01 -18.33
CA MET B 8 17.42 -1.93 -18.03
C MET B 8 18.12 -3.21 -18.48
N GLN B 9 19.40 -3.07 -18.82
CA GLN B 9 20.19 -4.23 -19.19
C GLN B 9 20.66 -5.02 -17.98
N ALA B 10 20.64 -4.42 -16.78
CA ALA B 10 21.19 -5.12 -15.62
C ALA B 10 20.17 -6.12 -15.08
N SER B 11 20.69 -7.14 -14.40
CA SER B 11 19.85 -8.24 -13.96
C SER B 11 19.50 -8.10 -12.49
N VAL B 12 18.62 -8.99 -12.03
CA VAL B 12 18.27 -9.00 -10.63
C VAL B 12 19.52 -9.17 -9.79
N GLY B 13 19.51 -8.49 -8.63
CA GLY B 13 20.63 -8.54 -7.72
C GLY B 13 21.75 -7.57 -8.03
N SER B 14 21.67 -6.85 -9.14
CA SER B 14 22.71 -5.90 -9.47
C SER B 14 22.46 -4.57 -8.76
N VAL B 15 23.48 -3.71 -8.80
CA VAL B 15 23.37 -2.41 -8.14
C VAL B 15 22.38 -1.52 -8.89
N GLU B 16 22.42 -1.55 -10.23
CA GLU B 16 21.50 -0.73 -10.98
C GLU B 16 20.05 -1.19 -10.79
N TYR B 17 19.85 -2.49 -10.61
CA TYR B 17 18.49 -3.01 -10.43
C TYR B 17 17.99 -2.75 -9.02
N ASN B 18 18.85 -2.92 -8.01
CA ASN B 18 18.43 -2.63 -6.64
C ASN B 18 18.06 -1.16 -6.47
N SER B 19 18.76 -0.28 -7.19
CA SER B 19 18.42 1.13 -7.15
C SER B 19 17.10 1.41 -7.88
N ALA B 20 16.82 0.69 -8.95
CA ALA B 20 15.52 0.82 -9.62
C ALA B 20 14.40 0.39 -8.70
N LYS B 21 14.63 -0.60 -7.83
CA LYS B 21 13.60 -1.03 -6.88
C LYS B 21 13.46 -0.04 -5.74
N MET B 22 14.58 0.51 -5.26
CA MET B 22 14.49 1.61 -4.30
C MET B 22 13.69 2.78 -4.88
N LEU B 23 13.84 3.04 -6.18
CA LEU B 23 13.05 4.08 -6.83
C LEU B 23 11.57 3.73 -6.83
N ALA B 24 11.24 2.47 -7.16
CA ALA B 24 9.85 2.05 -7.10
C ALA B 24 9.30 2.17 -5.68
N ASP B 25 10.10 1.79 -4.67
CA ASP B 25 9.66 1.96 -3.30
C ASP B 25 9.43 3.43 -2.98
N THR B 26 10.32 4.30 -3.45
CA THR B 26 10.24 5.70 -3.10
C THR B 26 9.06 6.38 -3.80
N LEU B 27 8.83 6.04 -5.06
CA LEU B 27 7.65 6.57 -5.76
C LEU B 27 6.36 6.11 -5.08
N GLU B 28 6.33 4.87 -4.60
CA GLU B 28 5.14 4.39 -3.92
C GLU B 28 4.88 5.19 -2.65
N GLU B 29 5.89 5.36 -1.81
CA GLU B 29 5.73 6.10 -0.58
C GLU B 29 5.28 7.53 -0.86
N MET B 30 5.99 8.24 -1.74
CA MET B 30 5.72 9.67 -1.93
C MET B 30 4.37 9.91 -2.60
N SER B 31 3.90 8.98 -3.42
CA SER B 31 2.62 9.12 -4.10
C SER B 31 1.50 8.37 -3.41
N GLN B 32 1.75 7.82 -2.22
CA GLN B 32 0.75 7.02 -1.52
C GLN B 32 0.18 5.95 -2.45
N GLY B 33 1.03 5.42 -3.32
CA GLY B 33 0.68 4.29 -4.14
C GLY B 33 0.11 4.62 -5.50
N GLU B 34 -0.07 5.90 -5.84
CA GLU B 34 -0.65 6.29 -7.11
C GLU B 34 0.37 6.43 -8.22
N ILE B 35 1.64 6.18 -7.94
CA ILE B 35 2.69 6.05 -8.94
C ILE B 35 3.38 4.72 -8.67
N LYS B 36 3.33 3.80 -9.64
CA LYS B 36 3.98 2.50 -9.52
C LYS B 36 4.96 2.33 -10.66
N LEU B 37 5.93 1.44 -10.47
CA LEU B 37 7.02 1.24 -11.42
C LEU B 37 7.17 -0.26 -11.72
N ALA B 38 6.98 -0.63 -12.98
CA ALA B 38 7.15 -2.00 -13.44
C ALA B 38 8.51 -2.14 -14.12
N LEU B 39 9.28 -3.13 -13.70
CA LEU B 39 10.69 -3.23 -14.03
C LEU B 39 10.94 -4.36 -15.04
N TYR B 40 11.74 -4.07 -16.07
CA TYR B 40 11.99 -4.99 -17.17
C TYR B 40 13.50 -5.15 -17.31
N PRO B 41 14.09 -6.08 -16.58
CA PRO B 41 15.55 -6.15 -16.48
C PRO B 41 16.16 -7.13 -17.48
N SER B 42 17.48 -7.25 -17.39
CA SER B 42 18.24 -8.27 -18.11
C SER B 42 18.13 -8.09 -19.62
N ALA B 43 17.86 -6.86 -20.06
CA ALA B 43 17.87 -6.55 -21.47
C ALA B 43 16.81 -7.36 -22.23
N GLN B 44 15.70 -7.68 -21.57
CA GLN B 44 14.61 -8.34 -22.29
C GLN B 44 14.08 -7.43 -23.40
N LEU B 45 14.04 -6.13 -23.14
CA LEU B 45 13.54 -5.18 -24.14
C LEU B 45 14.61 -4.73 -25.13
N GLY B 46 15.77 -5.38 -25.14
CA GLY B 46 16.86 -4.96 -26.00
C GLY B 46 18.02 -4.39 -25.20
N ASP B 47 18.91 -3.72 -25.92
CA ASP B 47 20.00 -3.04 -25.25
C ASP B 47 19.59 -1.60 -24.94
N ASP B 48 20.54 -0.79 -24.45
CA ASP B 48 20.19 0.57 -24.10
C ASP B 48 19.74 1.36 -25.31
N ARG B 49 20.37 1.13 -26.47
CA ARG B 49 19.95 1.82 -27.68
C ARG B 49 18.51 1.46 -28.04
N ALA B 50 18.15 0.18 -27.90
CA ALA B 50 16.79 -0.25 -28.20
C ALA B 50 15.79 0.38 -27.25
N MET B 51 16.03 0.25 -25.94
CA MET B 51 15.10 0.80 -24.95
C MET B 51 15.00 2.32 -25.05
N LEU B 52 16.04 2.99 -25.56
CA LEU B 52 15.96 4.43 -25.77
C LEU B 52 15.06 4.77 -26.95
N GLN B 53 15.18 4.01 -28.05
CA GLN B 53 14.25 4.18 -29.16
C GLN B 53 12.81 3.95 -28.70
N GLN B 54 12.61 2.99 -27.79
CA GLN B 54 11.28 2.77 -27.24
C GLN B 54 10.82 3.96 -26.40
N LEU B 55 11.75 4.67 -25.77
CA LEU B 55 11.41 5.91 -25.08
C LEU B 55 11.07 7.00 -26.08
N THR B 56 11.79 7.06 -27.20
CA THR B 56 11.47 8.05 -28.23
C THR B 56 10.05 7.86 -28.74
N LEU B 57 9.66 6.63 -29.03
CA LEU B 57 8.32 6.36 -29.56
C LEU B 57 7.25 6.31 -28.48
N GLY B 58 7.63 6.38 -27.21
CA GLY B 58 6.67 6.30 -26.13
C GLY B 58 6.26 4.90 -25.72
N ASP B 59 6.94 3.87 -26.21
CA ASP B 59 6.57 2.51 -25.82
C ASP B 59 7.04 2.17 -24.42
N LEU B 60 8.16 2.77 -23.98
CA LEU B 60 8.72 2.54 -22.66
C LEU B 60 8.92 3.88 -21.97
N ASP B 61 8.75 3.89 -20.65
CA ASP B 61 8.69 5.15 -19.93
C ASP B 61 10.06 5.63 -19.46
N ILE B 62 10.85 4.74 -18.88
CA ILE B 62 12.10 5.11 -18.22
C ILE B 62 13.18 4.09 -18.56
N THR B 63 14.43 4.55 -18.60
CA THR B 63 15.55 3.63 -18.76
C THR B 63 16.87 4.32 -18.43
N TYR B 64 17.92 3.51 -18.25
CA TYR B 64 19.26 4.04 -18.01
C TYR B 64 20.04 4.29 -19.31
N ALA B 65 20.98 5.23 -19.26
CA ALA B 65 21.98 5.35 -20.30
C ALA B 65 23.09 6.24 -19.77
N GLU B 66 24.31 5.96 -20.23
CA GLU B 66 25.44 6.80 -19.83
C GLU B 66 25.42 8.14 -20.55
N PHE B 67 25.80 9.18 -19.82
CA PHE B 67 26.03 10.51 -20.40
C PHE B 67 26.85 10.44 -21.66
N GLY B 68 27.93 9.66 -21.63
CA GLY B 68 28.74 9.50 -22.82
C GLY B 68 28.00 8.84 -23.97
N ARG B 69 27.26 7.77 -23.68
CA ARG B 69 26.59 7.01 -24.72
C ARG B 69 25.81 7.89 -25.68
N MET B 70 25.45 9.11 -25.26
CA MET B 70 24.75 10.02 -26.17
C MET B 70 25.60 10.38 -27.37
N GLY B 71 26.89 10.09 -27.34
CA GLY B 71 27.77 10.43 -28.43
C GLY B 71 27.39 9.74 -29.73
N LEU B 72 26.60 8.67 -29.63
CA LEU B 72 26.15 7.98 -30.83
C LEU B 72 25.21 8.86 -31.66
N TRP B 73 24.51 9.79 -31.00
CA TRP B 73 23.58 10.70 -31.67
C TRP B 73 23.94 12.16 -31.49
N ILE B 74 24.68 12.52 -30.45
CA ILE B 74 25.09 13.89 -30.17
C ILE B 74 26.61 13.87 -30.06
N PRO B 75 27.34 14.00 -31.18
CA PRO B 75 28.75 13.58 -31.17
C PRO B 75 29.61 14.24 -30.10
N ARG B 76 29.25 15.43 -29.61
CA ARG B 76 30.13 16.07 -28.64
C ARG B 76 30.02 15.46 -27.26
N ALA B 77 28.96 14.69 -26.98
CA ALA B 77 28.81 14.08 -25.67
C ALA B 77 29.84 13.00 -25.41
N GLU B 78 30.49 12.48 -26.45
CA GLU B 78 31.58 11.53 -26.24
C GLU B 78 32.68 12.12 -25.39
N ALA B 79 32.71 13.44 -25.25
CA ALA B 79 33.84 14.08 -24.57
C ALA B 79 33.96 13.59 -23.14
N VAL B 80 32.84 13.30 -22.49
CA VAL B 80 32.87 12.99 -21.07
C VAL B 80 33.34 11.56 -20.85
N MET B 81 33.63 10.83 -21.93
CA MET B 81 34.18 9.48 -21.80
C MET B 81 35.55 9.33 -22.47
N LEU B 82 36.20 10.43 -22.82
CA LEU B 82 37.61 10.36 -23.15
C LEU B 82 38.42 10.18 -21.87
N PRO B 83 39.51 9.43 -21.89
CA PRO B 83 40.19 9.10 -20.64
C PRO B 83 40.64 10.34 -19.88
N TYR B 84 40.38 10.33 -18.57
CA TYR B 84 40.90 11.29 -17.60
C TYR B 84 40.28 12.66 -17.70
N VAL B 85 39.22 12.81 -18.50
CA VAL B 85 38.56 14.11 -18.59
C VAL B 85 37.77 14.40 -17.32
N ALA B 86 37.07 13.40 -16.80
CA ALA B 86 36.38 13.53 -15.52
C ALA B 86 37.32 13.06 -14.41
N LYS B 87 37.63 13.94 -13.47
CA LYS B 87 38.60 13.60 -12.43
C LYS B 87 37.95 12.79 -11.30
N ASP B 88 36.67 12.98 -11.06
CA ASP B 88 35.91 12.10 -10.19
C ASP B 88 34.44 12.28 -10.55
N PHE B 89 33.54 11.68 -9.76
CA PHE B 89 32.14 11.77 -10.15
C PHE B 89 31.60 13.19 -9.96
N ASP B 90 31.99 13.84 -8.87
CA ASP B 90 31.54 15.21 -8.65
C ASP B 90 31.90 16.10 -9.83
N HIS B 91 33.02 15.80 -10.50
CA HIS B 91 33.39 16.52 -11.72
C HIS B 91 32.44 16.15 -12.87
N LEU B 92 32.18 14.86 -13.03
CA LEU B 92 31.25 14.42 -14.07
C LEU B 92 29.86 15.00 -13.85
N ARG B 93 29.48 15.20 -12.59
CA ARG B 93 28.20 15.85 -12.33
C ARG B 93 28.22 17.31 -12.77
N ARG B 94 29.34 18.00 -12.52
CA ARG B 94 29.43 19.41 -12.90
C ARG B 94 29.33 19.58 -14.42
N MET B 95 29.79 18.59 -15.18
CA MET B 95 29.61 18.61 -16.62
C MET B 95 28.13 18.44 -16.99
N PHE B 96 27.44 17.51 -16.31
CA PHE B 96 26.01 17.31 -16.52
C PHE B 96 25.21 18.56 -16.20
N GLU B 97 25.67 19.38 -15.24
CA GLU B 97 24.96 20.59 -14.86
C GLU B 97 25.51 21.85 -15.53
N SER B 98 26.54 21.72 -16.37
CA SER B 98 27.12 22.90 -16.99
C SER B 98 26.31 23.29 -18.23
N ASP B 99 26.66 24.45 -18.80
CA ASP B 99 26.07 24.85 -20.07
C ASP B 99 26.18 23.74 -21.10
N PHE B 100 27.36 23.13 -21.20
CA PHE B 100 27.56 22.03 -22.14
C PHE B 100 26.59 20.89 -21.88
N GLY B 101 26.44 20.49 -20.60
CA GLY B 101 25.52 19.41 -20.28
C GLY B 101 24.08 19.77 -20.56
N GLN B 102 23.64 20.96 -20.15
CA GLN B 102 22.29 21.39 -20.46
C GLN B 102 22.05 21.47 -21.97
N GLY B 103 23.11 21.75 -22.74
CA GLY B 103 22.96 21.80 -24.19
C GLY B 103 22.82 20.42 -24.80
N VAL B 104 23.56 19.44 -24.27
CA VAL B 104 23.36 18.06 -24.68
C VAL B 104 21.98 17.57 -24.24
N ARG B 105 21.53 17.96 -23.05
CA ARG B 105 20.25 17.47 -22.55
C ARG B 105 19.09 18.09 -23.31
N ASP B 106 19.25 19.33 -23.77
CA ASP B 106 18.21 19.94 -24.60
C ASP B 106 18.15 19.29 -25.97
N GLU B 107 19.31 18.92 -26.53
CA GLU B 107 19.32 18.20 -27.81
C GLU B 107 18.71 16.81 -27.66
N MET B 108 19.03 16.10 -26.59
CA MET B 108 18.37 14.82 -26.32
C MET B 108 16.85 14.99 -26.29
N LEU B 109 16.37 16.08 -25.71
CA LEU B 109 14.93 16.26 -25.51
C LEU B 109 14.24 16.65 -26.81
N GLN B 110 14.81 17.62 -27.54
CA GLN B 110 14.13 18.13 -28.73
C GLN B 110 14.24 17.17 -29.90
N LYS B 111 15.32 16.39 -29.97
CA LYS B 111 15.52 15.53 -31.13
C LYS B 111 14.89 14.16 -30.91
N PHE B 112 15.02 13.62 -29.70
CA PHE B 112 14.71 12.23 -29.45
C PHE B 112 13.72 12.01 -28.32
N ASN B 113 13.18 13.07 -27.72
CA ASN B 113 12.14 12.93 -26.70
C ASN B 113 12.69 12.27 -25.44
N TRP B 114 13.98 12.44 -25.17
CA TRP B 114 14.61 11.92 -23.97
C TRP B 114 14.74 13.05 -22.96
N ARG B 115 14.26 12.84 -21.75
CA ARG B 115 14.43 13.80 -20.66
C ARG B 115 15.29 13.15 -19.58
N ALA B 116 16.54 13.61 -19.46
CA ALA B 116 17.43 13.14 -18.41
C ALA B 116 17.09 13.87 -17.10
N LEU B 117 16.82 13.11 -16.05
CA LEU B 117 16.41 13.69 -14.77
C LEU B 117 17.54 13.83 -13.77
N ASP B 118 18.61 13.05 -13.92
CA ASP B 118 19.72 13.09 -12.97
C ASP B 118 20.83 12.23 -13.56
N THR B 119 22.02 12.39 -13.00
CA THR B 119 23.16 11.51 -13.30
C THR B 119 23.57 10.83 -12.01
N TRP B 120 23.88 9.54 -12.09
CA TRP B 120 24.26 8.77 -10.91
C TRP B 120 25.64 8.15 -11.11
N TYR B 121 26.44 8.09 -10.04
CA TYR B 121 27.77 7.50 -10.13
C TYR B 121 27.67 5.98 -10.32
N ASN B 122 28.43 5.46 -11.28
CA ASN B 122 28.38 4.04 -11.61
C ASN B 122 29.76 3.38 -11.62
N GLY B 123 30.74 4.00 -10.98
CA GLY B 123 32.04 3.36 -10.81
C GLY B 123 33.11 3.95 -11.71
N THR B 124 34.35 3.63 -11.35
CA THR B 124 35.54 4.05 -12.08
C THR B 124 36.34 2.82 -12.48
N ARG B 125 36.93 2.87 -13.67
CA ARG B 125 37.70 1.76 -14.18
C ARG B 125 39.14 1.86 -13.71
N GLU B 126 39.67 0.75 -13.20
CA GLU B 126 41.05 0.65 -12.75
C GLU B 126 41.78 -0.36 -13.62
N THR B 127 43.06 -0.58 -13.31
CA THR B 127 43.93 -1.40 -14.13
C THR B 127 44.62 -2.46 -13.27
N THR B 128 44.48 -3.72 -13.67
CA THR B 128 45.21 -4.83 -13.09
C THR B 128 46.33 -5.26 -14.03
N SER B 129 47.35 -5.93 -13.48
CA SER B 129 48.45 -6.35 -14.32
C SER B 129 49.31 -7.37 -13.58
N ASN B 130 50.16 -8.05 -14.34
CA ASN B 130 51.04 -9.06 -13.79
C ASN B 130 52.35 -8.49 -13.25
N ARG B 131 52.57 -7.19 -13.38
CA ARG B 131 53.69 -6.50 -12.76
C ARG B 131 53.19 -5.12 -12.29
N PRO B 132 53.83 -4.58 -11.26
CA PRO B 132 53.25 -3.38 -10.62
C PRO B 132 53.38 -2.14 -11.48
N LEU B 133 52.47 -1.19 -11.24
CA LEU B 133 52.37 0.06 -11.99
C LEU B 133 52.31 1.21 -11.00
N ASN B 134 53.44 1.90 -10.78
CA ASN B 134 53.49 3.04 -9.89
C ASN B 134 53.70 4.36 -10.60
N SER B 135 54.07 4.35 -11.87
CA SER B 135 54.15 5.56 -12.66
C SER B 135 53.72 5.23 -14.08
N ILE B 136 53.47 6.28 -14.86
CA ILE B 136 53.11 6.06 -16.26
C ILE B 136 54.22 5.37 -17.01
N GLU B 137 55.47 5.48 -16.52
CA GLU B 137 56.59 4.82 -17.17
C GLU B 137 56.43 3.30 -17.20
N ASP B 138 55.72 2.75 -16.21
CA ASP B 138 55.58 1.30 -16.14
C ASP B 138 54.67 0.74 -17.22
N PHE B 139 53.90 1.60 -17.90
CA PHE B 139 53.00 1.11 -18.93
C PHE B 139 53.73 0.79 -20.23
N LYS B 140 54.93 1.32 -20.42
CA LYS B 140 55.70 1.03 -21.63
C LYS B 140 55.90 -0.47 -21.77
N GLY B 141 55.38 -1.03 -22.86
CA GLY B 141 55.52 -2.44 -23.14
C GLY B 141 54.43 -3.32 -22.54
N LEU B 142 53.51 -2.74 -21.79
CA LEU B 142 52.46 -3.52 -21.13
C LEU B 142 51.41 -3.95 -22.15
N LYS B 143 51.24 -5.26 -22.29
CA LYS B 143 50.23 -5.85 -23.18
C LYS B 143 48.91 -5.82 -22.43
N LEU B 144 48.15 -4.75 -22.64
CA LEU B 144 46.96 -4.44 -21.85
C LEU B 144 45.71 -4.82 -22.64
N ARG B 145 44.98 -5.82 -22.13
CA ARG B 145 43.69 -6.16 -22.71
C ARG B 145 42.74 -4.98 -22.54
N VAL B 146 41.92 -4.77 -23.56
CA VAL B 146 41.05 -3.60 -23.67
C VAL B 146 39.82 -4.03 -24.46
N PRO B 147 38.62 -3.54 -24.15
CA PRO B 147 37.50 -3.80 -25.05
C PRO B 147 37.71 -3.14 -26.41
N ASN B 148 37.06 -3.68 -27.43
CA ASN B 148 37.12 -3.10 -28.78
C ASN B 148 36.32 -1.79 -28.80
N ALA B 149 36.82 -0.82 -28.04
CA ALA B 149 36.14 0.46 -27.89
C ALA B 149 37.16 1.59 -27.94
N LYS B 150 36.78 2.68 -28.62
CA LYS B 150 37.75 3.68 -29.05
C LYS B 150 38.50 4.29 -27.87
N GLN B 151 37.75 4.77 -26.86
CA GLN B 151 38.40 5.52 -25.79
C GLN B 151 39.17 4.61 -24.83
N ASN B 152 38.76 3.35 -24.71
CA ASN B 152 39.58 2.39 -23.98
C ASN B 152 40.88 2.12 -24.71
N LEU B 153 40.79 1.95 -26.03
CA LEU B 153 41.98 1.79 -26.85
C LEU B 153 42.91 3.00 -26.71
N ASN B 154 42.33 4.21 -26.74
CA ASN B 154 43.14 5.41 -26.63
C ASN B 154 43.84 5.48 -25.28
N TYR B 155 43.16 5.05 -24.22
CA TYR B 155 43.80 5.02 -22.91
C TYR B 155 45.09 4.21 -22.94
N ALA B 156 45.04 3.00 -23.51
CA ALA B 156 46.23 2.16 -23.54
C ALA B 156 47.29 2.74 -24.49
N LYS B 157 46.86 3.28 -25.63
CA LYS B 157 47.82 3.79 -26.60
C LYS B 157 48.57 4.99 -26.05
N LEU B 158 47.83 5.97 -25.52
CA LEU B 158 48.45 7.22 -25.10
C LEU B 158 49.22 7.11 -23.78
N SER B 159 48.94 6.09 -22.97
CA SER B 159 49.73 5.88 -21.76
C SER B 159 51.03 5.15 -22.05
N GLY B 160 51.18 4.59 -23.26
CA GLY B 160 52.38 3.91 -23.67
C GLY B 160 52.28 2.41 -23.74
N ALA B 161 51.12 1.83 -23.46
CA ALA B 161 51.01 0.39 -23.44
C ALA B 161 50.81 -0.16 -24.85
N SER B 162 50.72 -1.48 -24.94
CA SER B 162 50.40 -2.18 -26.17
C SER B 162 48.94 -2.61 -26.11
N PRO B 163 48.01 -1.89 -26.73
CA PRO B 163 46.59 -2.26 -26.59
C PRO B 163 46.31 -3.59 -27.28
N THR B 164 45.47 -4.41 -26.64
CA THR B 164 45.13 -5.74 -27.14
C THR B 164 43.63 -5.96 -27.03
N PRO B 165 42.88 -5.63 -28.07
CA PRO B 165 41.42 -5.87 -28.05
C PRO B 165 41.12 -7.37 -27.96
N MET B 166 40.16 -7.73 -27.11
CA MET B 166 39.93 -9.15 -26.84
C MET B 166 38.57 -9.34 -26.17
N SER B 167 37.91 -10.44 -26.53
CA SER B 167 36.59 -10.74 -26.02
C SER B 167 36.61 -10.95 -24.51
N PHE B 168 35.60 -10.41 -23.84
CA PHE B 168 35.52 -10.47 -22.38
C PHE B 168 35.55 -11.89 -21.85
N SER B 169 35.10 -12.87 -22.63
CA SER B 169 35.11 -14.23 -22.10
C SER B 169 36.50 -14.82 -22.13
N GLU B 170 37.38 -14.30 -22.98
CA GLU B 170 38.71 -14.87 -23.15
C GLU B 170 39.74 -14.26 -22.22
N VAL B 171 39.32 -13.44 -21.26
CA VAL B 171 40.27 -12.57 -20.56
C VAL B 171 40.93 -13.30 -19.42
N TYR B 172 40.13 -13.89 -18.52
CA TYR B 172 40.69 -14.77 -17.49
C TYR B 172 41.73 -15.72 -18.08
N LEU B 173 41.45 -16.29 -19.25
CA LEU B 173 42.40 -17.18 -19.92
C LEU B 173 43.67 -16.45 -20.31
N ALA B 174 43.53 -15.27 -20.90
CA ALA B 174 44.69 -14.53 -21.39
C ALA B 174 45.55 -14.01 -20.25
N LEU B 175 44.96 -13.73 -19.09
CA LEU B 175 45.76 -13.32 -17.95
C LEU B 175 46.35 -14.52 -17.23
N GLN B 176 45.58 -15.61 -17.14
CA GLN B 176 46.09 -16.82 -16.52
C GLN B 176 47.28 -17.38 -17.28
N THR B 177 47.31 -17.21 -18.60
CA THR B 177 48.41 -17.68 -19.42
C THR B 177 49.46 -16.59 -19.66
N ASN B 178 49.26 -15.40 -19.11
CA ASN B 178 50.15 -14.28 -19.36
C ASN B 178 50.36 -14.02 -20.85
N ALA B 179 49.44 -14.48 -21.69
CA ALA B 179 49.40 -13.97 -23.05
C ALA B 179 49.07 -12.48 -23.06
N VAL B 180 48.56 -11.95 -21.95
CA VAL B 180 48.29 -10.54 -21.79
C VAL B 180 48.84 -10.10 -20.44
N ASP B 181 49.37 -8.89 -20.39
CA ASP B 181 49.97 -8.44 -19.14
C ASP B 181 48.95 -7.86 -18.17
N GLY B 182 47.80 -7.38 -18.64
CA GLY B 182 46.82 -6.78 -17.75
C GLY B 182 45.51 -6.52 -18.45
N GLN B 183 44.59 -5.93 -17.70
CA GLN B 183 43.28 -5.53 -18.19
C GLN B 183 42.79 -4.34 -17.38
N GLU B 184 41.70 -3.73 -17.83
CA GLU B 184 41.12 -2.56 -17.19
C GLU B 184 39.62 -2.69 -17.08
N ASN B 185 39.08 -2.36 -15.91
CA ASN B 185 37.67 -2.58 -15.64
C ASN B 185 37.28 -1.97 -14.30
N PRO B 186 35.99 -1.84 -14.00
CA PRO B 186 35.59 -1.43 -12.65
C PRO B 186 35.91 -2.54 -11.65
N LEU B 187 35.98 -2.16 -10.38
CA LEU B 187 36.39 -3.14 -9.36
C LEU B 187 35.35 -4.24 -9.17
N PRO B 188 34.04 -3.96 -9.13
CA PRO B 188 33.08 -5.07 -9.00
C PRO B 188 33.22 -6.09 -10.11
N THR B 189 33.55 -5.64 -11.32
CA THR B 189 33.82 -6.59 -12.40
C THR B 189 35.06 -7.42 -12.10
N ILE B 190 36.07 -6.79 -11.49
CA ILE B 190 37.31 -7.51 -11.21
C ILE B 190 37.06 -8.64 -10.22
N LYS B 191 36.21 -8.40 -9.23
CA LYS B 191 35.91 -9.46 -8.27
C LYS B 191 35.02 -10.52 -8.90
N THR B 192 33.91 -10.09 -9.51
CA THR B 192 32.94 -11.05 -10.02
C THR B 192 33.56 -12.00 -11.03
N MET B 193 34.41 -11.50 -11.92
CA MET B 193 35.06 -12.36 -12.90
C MET B 193 36.27 -13.07 -12.35
N LYS B 194 36.60 -12.87 -11.08
CA LYS B 194 37.75 -13.52 -10.45
C LYS B 194 39.06 -13.14 -11.14
N PHE B 195 39.15 -11.96 -11.76
CA PHE B 195 40.40 -11.58 -12.40
C PHE B 195 41.53 -11.48 -11.39
N TYR B 196 41.22 -11.19 -10.13
CA TYR B 196 42.27 -11.00 -9.14
C TYR B 196 42.97 -12.30 -8.79
N GLU B 197 42.40 -13.43 -9.17
CA GLU B 197 43.09 -14.71 -9.01
C GLU B 197 44.24 -14.87 -9.99
N VAL B 198 44.28 -14.06 -11.04
CA VAL B 198 45.27 -14.23 -12.11
C VAL B 198 45.97 -12.90 -12.39
N GLN B 199 45.78 -11.93 -11.51
CA GLN B 199 46.46 -10.65 -11.58
C GLN B 199 46.97 -10.35 -10.18
N LYS B 200 48.29 -10.30 -10.02
CA LYS B 200 48.85 -10.03 -8.70
C LYS B 200 48.93 -8.54 -8.37
N ASN B 201 48.55 -7.65 -9.29
CA ASN B 201 48.64 -6.22 -9.04
C ASN B 201 47.39 -5.50 -9.53
N LEU B 202 46.98 -4.49 -8.77
CA LEU B 202 45.89 -3.59 -9.15
C LEU B 202 46.40 -2.16 -9.01
N ALA B 203 46.20 -1.37 -10.06
CA ALA B 203 46.63 0.03 -10.06
C ALA B 203 45.41 0.94 -10.10
N MET B 204 45.35 1.90 -9.18
CA MET B 204 44.24 2.87 -9.13
C MET B 204 44.52 3.98 -10.13
N THR B 205 44.23 3.68 -11.40
CA THR B 205 44.47 4.62 -12.48
C THR B 205 43.31 5.57 -12.71
N HIS B 206 42.14 5.29 -12.12
CA HIS B 206 40.96 6.13 -12.30
C HIS B 206 40.82 6.73 -13.69
N HIS B 207 40.97 5.92 -14.74
CA HIS B 207 41.11 6.55 -16.06
C HIS B 207 39.76 6.82 -16.72
N ILE B 208 38.70 6.11 -16.34
CA ILE B 208 37.39 6.32 -16.92
C ILE B 208 36.36 6.28 -15.81
N VAL B 209 35.59 7.35 -15.69
CA VAL B 209 34.57 7.47 -14.66
C VAL B 209 33.20 7.31 -15.32
N ASN B 210 32.37 6.44 -14.74
CA ASN B 210 31.11 6.04 -15.32
C ASN B 210 29.94 6.63 -14.55
N ASP B 211 28.83 6.80 -15.27
CA ASP B 211 27.58 7.22 -14.68
C ASP B 211 26.43 6.50 -15.36
N GLN B 212 25.25 6.62 -14.77
CA GLN B 212 23.99 6.29 -15.41
C GLN B 212 23.10 7.53 -15.32
N MET B 213 22.59 7.98 -16.46
CA MET B 213 21.54 8.97 -16.45
C MET B 213 20.20 8.28 -16.27
N VAL B 214 19.30 8.89 -15.51
CA VAL B 214 17.92 8.43 -15.43
C VAL B 214 17.14 9.20 -16.48
N ILE B 215 16.65 8.50 -17.50
CA ILE B 215 15.98 9.13 -18.63
C ILE B 215 14.54 8.67 -18.66
N ILE B 216 13.64 9.62 -18.92
CA ILE B 216 12.22 9.36 -19.06
C ILE B 216 11.76 9.86 -20.42
N SER B 217 10.75 9.21 -20.98
CA SER B 217 10.19 9.67 -22.24
C SER B 217 9.46 10.99 -22.04
N GLU B 218 9.77 11.98 -22.88
CA GLU B 218 9.02 13.22 -22.89
C GLU B 218 7.56 12.97 -23.26
N SER B 219 7.30 11.87 -23.95
CA SER B 219 5.93 11.42 -24.23
C SER B 219 5.18 11.10 -22.95
N THR B 220 5.87 10.44 -22.01
CA THR B 220 5.28 10.12 -20.72
C THR B 220 5.18 11.38 -19.86
N TRP B 221 6.29 12.10 -19.75
CA TRP B 221 6.34 13.34 -18.97
C TRP B 221 5.23 14.31 -19.36
N GLN B 222 4.93 14.42 -20.66
CA GLN B 222 3.89 15.35 -21.07
C GLN B 222 2.51 14.95 -20.58
N LYS B 223 2.25 13.65 -20.42
CA LYS B 223 0.97 13.20 -19.90
C LYS B 223 0.90 13.18 -18.38
N LEU B 224 1.97 13.49 -17.67
CA LEU B 224 1.96 13.40 -16.22
C LEU B 224 1.51 14.70 -15.59
N SER B 225 1.10 14.56 -14.36
CA SER B 225 0.74 15.73 -13.65
C SER B 225 1.91 16.38 -12.94
N ASP B 226 1.49 17.33 -12.06
CA ASP B 226 2.40 18.28 -11.41
C ASP B 226 3.19 17.68 -10.21
N THR B 227 2.54 17.55 -9.04
CA THR B 227 2.79 16.53 -8.02
C THR B 227 3.47 15.26 -8.57
N ASP B 228 3.01 14.69 -9.69
CA ASP B 228 3.73 13.54 -10.27
C ASP B 228 5.16 13.93 -10.71
N LYS B 229 5.33 15.01 -11.46
CA LYS B 229 6.67 15.33 -11.95
C LYS B 229 7.61 15.69 -10.80
N ASP B 230 7.09 16.41 -9.80
CA ASP B 230 7.89 16.75 -8.63
C ASP B 230 8.24 15.50 -7.82
N ILE B 231 7.29 14.57 -7.67
CA ILE B 231 7.56 13.34 -6.94
C ILE B 231 8.65 12.54 -7.64
N ILE B 232 8.54 12.42 -8.96
CA ILE B 232 9.51 11.65 -9.72
C ILE B 232 10.89 12.30 -9.62
N GLN B 233 10.94 13.63 -9.77
CA GLN B 233 12.22 14.32 -9.76
C GLN B 233 12.91 14.19 -8.40
N LYS B 234 12.16 14.37 -7.32
CA LYS B 234 12.77 14.26 -5.99
C LYS B 234 13.10 12.81 -5.65
N ALA B 235 12.26 11.87 -6.09
CA ALA B 235 12.56 10.46 -5.85
C ALA B 235 13.84 10.05 -6.56
N VAL B 236 14.01 10.48 -7.80
CA VAL B 236 15.20 10.12 -8.56
C VAL B 236 16.45 10.68 -7.89
N GLN B 237 16.38 11.91 -7.40
CA GLN B 237 17.55 12.53 -6.79
C GLN B 237 17.87 11.91 -5.44
N LYS B 238 16.84 11.52 -4.68
CA LYS B 238 17.09 10.89 -3.38
C LYS B 238 17.68 9.50 -3.55
N VAL B 239 17.17 8.73 -4.51
CA VAL B 239 17.74 7.41 -4.77
C VAL B 239 19.12 7.53 -5.40
N GLY B 240 19.33 8.57 -6.21
CA GLY B 240 20.64 8.76 -6.83
C GLY B 240 21.74 8.97 -5.82
N ASP B 241 21.44 9.66 -4.72
CA ASP B 241 22.41 9.77 -3.64
C ASP B 241 22.79 8.40 -3.11
N ALA B 242 21.79 7.57 -2.81
CA ALA B 242 22.07 6.25 -2.24
C ALA B 242 22.82 5.35 -3.22
N HIS B 243 22.44 5.38 -4.51
CA HIS B 243 23.19 4.63 -5.52
C HIS B 243 24.65 5.07 -5.54
N THR B 244 24.88 6.39 -5.52
CA THR B 244 26.24 6.88 -5.59
C THR B 244 27.03 6.45 -4.37
N GLN B 245 26.44 6.59 -3.18
CA GLN B 245 27.13 6.19 -1.96
C GLN B 245 27.33 4.69 -1.90
N THR B 246 26.41 3.93 -2.49
CA THR B 246 26.58 2.47 -2.50
C THR B 246 27.81 2.09 -3.31
N VAL B 247 27.94 2.66 -4.51
CA VAL B 247 29.08 2.36 -5.35
C VAL B 247 30.38 2.84 -4.70
N LYS B 248 30.38 4.08 -4.22
CA LYS B 248 31.57 4.61 -3.54
C LYS B 248 31.99 3.70 -2.40
N THR B 249 31.02 3.22 -1.62
CA THR B 249 31.34 2.34 -0.50
C THR B 249 31.79 0.97 -0.99
N GLN B 250 31.11 0.43 -1.99
CA GLN B 250 31.47 -0.86 -2.57
C GLN B 250 32.91 -0.86 -3.10
N GLU B 251 33.33 0.25 -3.71
CA GLU B 251 34.69 0.32 -4.23
C GLU B 251 35.71 0.34 -3.10
N ALA B 252 35.39 1.02 -2.00
CA ALA B 252 36.31 1.04 -0.87
C ALA B 252 36.46 -0.35 -0.25
N GLU B 253 35.37 -1.10 -0.12
CA GLU B 253 35.48 -2.43 0.47
C GLU B 253 36.22 -3.38 -0.46
N LEU B 254 36.08 -3.18 -1.78
CA LEU B 254 36.77 -4.05 -2.73
C LEU B 254 38.28 -3.83 -2.68
N VAL B 255 38.71 -2.58 -2.52
CA VAL B 255 40.14 -2.31 -2.39
C VAL B 255 40.69 -2.97 -1.13
N SER B 256 40.00 -2.80 0.00
CA SER B 256 40.43 -3.44 1.24
C SER B 256 40.45 -4.96 1.10
N PHE B 257 39.50 -5.51 0.34
CA PHE B 257 39.44 -6.95 0.13
C PHE B 257 40.60 -7.42 -0.72
N PHE B 258 40.89 -6.72 -1.81
CA PHE B 258 42.03 -7.07 -2.65
C PHE B 258 43.35 -6.98 -1.89
N LYS B 259 43.50 -5.96 -1.03
CA LYS B 259 44.73 -5.83 -0.25
C LYS B 259 44.87 -6.96 0.77
N SER B 260 43.76 -7.36 1.39
CA SER B 260 43.81 -8.45 2.35
C SER B 260 44.10 -9.78 1.68
N GLU B 261 43.74 -9.92 0.41
CA GLU B 261 43.93 -11.17 -0.33
C GLU B 261 45.35 -11.33 -0.87
N GLY B 262 46.23 -10.35 -0.66
CA GLY B 262 47.57 -10.42 -1.18
C GLY B 262 47.78 -9.72 -2.50
N ILE B 263 46.79 -8.97 -2.99
CA ILE B 263 46.97 -8.21 -4.21
C ILE B 263 47.79 -6.96 -3.91
N ASN B 264 48.74 -6.65 -4.78
CA ASN B 264 49.52 -5.42 -4.66
C ASN B 264 48.75 -4.28 -5.32
N VAL B 265 48.33 -3.30 -4.52
CA VAL B 265 47.48 -2.21 -4.96
C VAL B 265 48.32 -0.93 -4.96
N THR B 266 48.45 -0.31 -6.13
CA THR B 266 49.31 0.86 -6.30
C THR B 266 48.49 2.09 -6.63
N TYR B 267 49.07 3.25 -6.37
CA TYR B 267 48.39 4.54 -6.49
C TYR B 267 49.27 5.51 -7.27
N PRO B 268 49.35 5.34 -8.59
CA PRO B 268 50.24 6.20 -9.39
C PRO B 268 49.78 7.66 -9.41
N ASP B 269 50.75 8.56 -9.59
CA ASP B 269 50.46 9.96 -9.86
C ASP B 269 49.78 10.08 -11.22
N LEU B 270 48.61 10.72 -11.26
CA LEU B 270 47.77 10.67 -12.44
C LEU B 270 47.85 11.90 -13.34
N GLU B 271 48.39 13.01 -12.85
CA GLU B 271 48.57 14.16 -13.72
C GLU B 271 49.45 13.84 -14.92
N PRO B 272 50.47 12.98 -14.80
CA PRO B 272 51.21 12.58 -16.01
C PRO B 272 50.35 11.84 -17.03
N PHE B 273 49.28 11.17 -16.60
CA PHE B 273 48.35 10.57 -17.55
C PHE B 273 47.50 11.62 -18.25
N ARG B 274 47.03 12.62 -17.49
CA ARG B 274 46.17 13.66 -18.07
C ARG B 274 46.90 14.47 -19.13
N GLU B 275 48.19 14.74 -18.93
CA GLU B 275 48.97 15.42 -19.96
C GLU B 275 49.30 14.51 -21.12
N ALA B 276 49.34 13.20 -20.87
CA ALA B 276 49.53 12.22 -21.95
C ALA B 276 48.28 12.04 -22.80
N MET B 277 47.10 12.40 -22.28
CA MET B 277 45.90 12.36 -23.10
C MET B 277 45.65 13.64 -23.85
N GLN B 278 46.52 14.64 -23.67
CA GLN B 278 46.27 15.95 -24.28
C GLN B 278 46.26 15.92 -25.80
N PRO B 279 47.06 15.09 -26.49
CA PRO B 279 46.90 14.97 -27.95
C PRO B 279 45.50 14.54 -28.35
N LEU B 280 44.88 13.64 -27.58
CA LEU B 280 43.52 13.22 -27.88
C LEU B 280 42.52 14.34 -27.61
N TYR B 281 42.69 15.07 -26.50
CA TYR B 281 41.81 16.20 -26.25
C TYR B 281 41.89 17.21 -27.38
N LYS B 282 43.11 17.50 -27.88
CA LYS B 282 43.25 18.45 -28.98
C LYS B 282 42.56 17.94 -30.24
N GLU B 283 42.74 16.64 -30.54
CA GLU B 283 42.08 16.06 -31.70
C GLU B 283 40.57 16.16 -31.59
N PHE B 284 40.02 15.89 -30.40
CA PHE B 284 38.58 15.91 -30.24
C PHE B 284 38.02 17.33 -30.37
N ASP B 285 38.73 18.31 -29.85
CA ASP B 285 38.28 19.69 -30.04
C ASP B 285 38.33 20.08 -31.51
N SER B 286 39.37 19.61 -32.22
CA SER B 286 39.50 19.95 -33.63
C SER B 286 38.38 19.32 -34.44
N ASN B 287 38.04 18.07 -34.16
CA ASN B 287 36.98 17.38 -34.91
C ASN B 287 35.60 17.88 -34.57
N ILE B 288 35.47 18.93 -33.76
CA ILE B 288 34.15 19.44 -33.41
C ILE B 288 34.09 20.93 -33.71
N GLY B 289 35.24 21.60 -33.63
CA GLY B 289 35.31 23.02 -33.90
C GLY B 289 35.00 23.91 -32.72
N GLN B 290 35.14 23.40 -31.50
CA GLN B 290 34.88 24.17 -30.29
C GLN B 290 35.86 23.71 -29.22
N PRO B 291 36.19 24.56 -28.25
CA PRO B 291 37.01 24.08 -27.12
C PRO B 291 36.16 23.32 -26.11
N ILE B 292 35.85 22.06 -26.44
CA ILE B 292 34.96 21.28 -25.58
C ILE B 292 35.71 20.75 -24.37
N VAL B 293 36.77 19.98 -24.62
CA VAL B 293 37.38 19.19 -23.57
C VAL B 293 38.10 20.06 -22.56
N SER B 294 38.80 21.11 -23.03
CA SER B 294 39.58 21.91 -22.11
C SER B 294 38.69 22.69 -21.15
N LYS B 295 37.54 23.17 -21.62
CA LYS B 295 36.61 23.86 -20.73
C LYS B 295 35.95 22.91 -19.76
N LEU B 296 35.70 21.66 -20.18
CA LEU B 296 35.14 20.66 -19.29
C LEU B 296 36.16 20.23 -18.23
N ALA B 297 37.41 20.00 -18.63
CA ALA B 297 38.40 19.53 -17.68
C ALA B 297 38.69 20.56 -16.60
N ALA B 298 38.44 21.84 -16.87
CA ALA B 298 38.74 22.89 -15.91
C ALA B 298 37.59 23.15 -14.93
N MET B 299 36.50 22.39 -15.04
CA MET B 299 35.34 22.58 -14.18
C MET B 299 35.64 22.03 -12.80
N GLN C 1 -6.06 4.57 -3.52
CA GLN C 1 -6.30 5.70 -2.62
C GLN C 1 -6.61 6.94 -3.43
N VAL C 2 -6.94 8.03 -2.76
CA VAL C 2 -7.14 9.33 -3.39
C VAL C 2 -5.97 10.21 -3.00
N GLN C 3 -5.45 10.96 -3.97
CA GLN C 3 -4.37 11.91 -3.73
C GLN C 3 -4.94 13.32 -3.80
N LEU C 4 -4.78 14.08 -2.72
CA LEU C 4 -5.21 15.46 -2.64
C LEU C 4 -3.99 16.35 -2.53
N VAL C 5 -4.02 17.52 -3.17
CA VAL C 5 -2.92 18.46 -3.13
C VAL C 5 -3.47 19.87 -3.04
N GLU C 6 -2.98 20.63 -2.06
CA GLU C 6 -3.43 22.01 -1.89
C GLU C 6 -2.61 22.96 -2.74
N SER C 7 -3.23 24.08 -3.10
CA SER C 7 -2.53 25.22 -3.66
C SER C 7 -3.03 26.46 -2.93
N GLY C 8 -2.19 27.50 -2.93
CA GLY C 8 -2.48 28.68 -2.17
C GLY C 8 -2.00 28.57 -0.73
N GLY C 9 -1.89 29.73 -0.10
CA GLY C 9 -1.39 29.84 1.25
C GLY C 9 -0.48 31.04 1.37
N GLY C 10 0.46 30.96 2.30
CA GLY C 10 1.46 32.00 2.43
C GLY C 10 1.06 33.08 3.41
N LEU C 11 1.79 34.19 3.33
CA LEU C 11 1.55 35.32 4.22
C LEU C 11 0.48 36.24 3.62
N VAL C 12 -0.34 36.79 4.51
CA VAL C 12 -1.39 37.72 4.15
C VAL C 12 -1.55 38.70 5.29
N GLN C 13 -2.05 39.89 4.97
CA GLN C 13 -2.26 40.93 5.95
C GLN C 13 -3.60 40.74 6.67
N ALA C 14 -3.71 41.29 7.88
CA ALA C 14 -4.99 41.30 8.56
C ALA C 14 -6.04 42.01 7.71
N GLY C 15 -7.23 41.42 7.64
CA GLY C 15 -8.28 41.95 6.80
C GLY C 15 -8.16 41.61 5.33
N GLY C 16 -7.08 40.93 4.93
CA GLY C 16 -6.86 40.59 3.56
C GLY C 16 -7.65 39.35 3.14
N SER C 17 -7.41 38.95 1.89
CA SER C 17 -8.13 37.84 1.28
C SER C 17 -7.15 36.83 0.72
N LEU C 18 -7.51 35.54 0.83
CA LEU C 18 -6.71 34.44 0.34
C LEU C 18 -7.63 33.33 -0.13
N ARG C 19 -7.25 32.66 -1.22
CA ARG C 19 -8.03 31.56 -1.77
C ARG C 19 -7.18 30.29 -1.77
N LEU C 20 -7.65 29.26 -1.07
CA LEU C 20 -6.99 27.97 -1.11
C LEU C 20 -7.67 27.07 -2.13
N SER C 21 -6.86 26.30 -2.85
CA SER C 21 -7.36 25.31 -3.79
C SER C 21 -6.97 23.93 -3.29
N CYS C 22 -7.70 22.91 -3.74
CA CYS C 22 -7.38 21.52 -3.45
C CYS C 22 -7.80 20.67 -4.64
N ALA C 23 -6.83 20.08 -5.33
CA ALA C 23 -7.10 19.27 -6.51
C ALA C 23 -7.05 17.79 -6.15
N ALA C 24 -8.02 17.03 -6.65
CA ALA C 24 -8.15 15.61 -6.34
C ALA C 24 -7.82 14.79 -7.58
N SER C 25 -7.15 13.66 -7.37
CA SER C 25 -6.47 13.00 -8.46
C SER C 25 -7.40 12.14 -9.30
N GLY C 26 -8.33 11.45 -8.66
CA GLY C 26 -9.13 10.43 -9.32
C GLY C 26 -10.43 10.98 -9.86
N ARG C 27 -11.34 10.04 -10.13
CA ARG C 27 -12.70 10.35 -10.56
C ARG C 27 -13.72 10.03 -9.48
N THR C 28 -13.32 10.14 -8.21
CA THR C 28 -14.22 10.01 -7.09
C THR C 28 -14.64 11.35 -6.51
N PHE C 29 -14.06 12.44 -7.01
CA PHE C 29 -14.31 13.76 -6.43
C PHE C 29 -15.76 14.16 -6.56
N SER C 30 -16.38 13.85 -7.70
CA SER C 30 -17.78 14.23 -7.90
C SER C 30 -18.74 13.49 -6.98
N SER C 31 -18.28 12.41 -6.32
CA SER C 31 -19.11 11.68 -5.37
C SER C 31 -18.53 11.71 -3.96
N SER C 32 -17.71 12.70 -3.66
CA SER C 32 -17.09 12.83 -2.35
C SER C 32 -17.51 14.16 -1.72
N THR C 33 -17.91 14.12 -0.47
CA THR C 33 -18.00 15.34 0.32
C THR C 33 -16.59 15.83 0.65
N MET C 34 -16.40 17.15 0.55
CA MET C 34 -15.08 17.76 0.71
C MET C 34 -15.09 18.72 1.89
N GLY C 35 -13.94 18.84 2.57
CA GLY C 35 -13.86 19.65 3.76
C GLY C 35 -12.50 20.28 3.94
N TRP C 36 -12.49 21.31 4.80
CA TRP C 36 -11.28 22.02 5.19
C TRP C 36 -11.15 21.98 6.71
N PHE C 37 -10.03 21.46 7.18
CA PHE C 37 -9.62 21.52 8.58
C PHE C 37 -8.49 22.52 8.73
N ARG C 38 -8.21 22.91 9.97
CA ARG C 38 -7.05 23.74 10.26
C ARG C 38 -6.54 23.42 11.67
N GLN C 39 -5.23 23.56 11.87
CA GLN C 39 -4.63 23.40 13.18
C GLN C 39 -3.71 24.58 13.44
N ALA C 40 -4.12 25.46 14.35
CA ALA C 40 -3.22 26.52 14.78
C ALA C 40 -2.16 25.94 15.71
N PRO C 41 -0.99 26.59 15.81
CA PRO C 41 0.08 26.04 16.65
C PRO C 41 -0.34 25.90 18.09
N GLY C 42 -0.20 24.67 18.60
CA GLY C 42 -0.48 24.37 19.99
C GLY C 42 -1.92 24.04 20.31
N LYS C 43 -2.84 24.20 19.36
CA LYS C 43 -4.25 23.98 19.61
C LYS C 43 -4.73 22.70 18.95
N GLU C 44 -5.97 22.35 19.26
CA GLU C 44 -6.58 21.18 18.65
C GLU C 44 -7.04 21.48 17.22
N ARG C 45 -7.27 20.40 16.47
CA ARG C 45 -7.72 20.53 15.09
C ARG C 45 -9.16 21.06 15.07
N GLU C 46 -9.45 21.94 14.11
CA GLU C 46 -10.79 22.51 13.97
C GLU C 46 -11.30 22.28 12.55
N PHE C 47 -12.52 21.76 12.44
CA PHE C 47 -13.18 21.64 11.16
C PHE C 47 -13.67 23.03 10.74
N VAL C 48 -13.30 23.47 9.53
CA VAL C 48 -13.54 24.85 9.14
C VAL C 48 -14.79 24.93 8.28
N ALA C 49 -14.83 24.15 7.20
CA ALA C 49 -15.94 24.23 6.25
C ALA C 49 -15.99 22.95 5.46
N GLY C 50 -17.16 22.69 4.88
CA GLY C 50 -17.39 21.47 4.14
C GLY C 50 -18.52 21.67 3.16
N ILE C 51 -18.54 20.84 2.12
CA ILE C 51 -19.45 21.00 1.00
C ILE C 51 -19.83 19.63 0.46
N SER C 52 -21.12 19.41 0.24
CA SER C 52 -21.60 18.08 -0.12
C SER C 52 -21.44 17.83 -1.62
N TRP C 53 -21.64 16.57 -2.00
CA TRP C 53 -21.65 16.19 -3.41
C TRP C 53 -23.05 15.90 -3.94
N SER C 54 -24.00 15.58 -3.07
CA SER C 54 -25.31 15.09 -3.46
C SER C 54 -26.44 16.09 -3.24
N ASP C 55 -26.52 16.73 -2.08
CA ASP C 55 -27.58 17.70 -1.82
C ASP C 55 -27.07 19.13 -1.68
N GLY C 56 -25.80 19.37 -1.99
CA GLY C 56 -25.29 20.74 -2.08
C GLY C 56 -25.12 21.47 -0.76
N SER C 57 -25.39 20.77 0.34
CA SER C 57 -25.31 21.40 1.65
C SER C 57 -23.86 21.78 1.98
N THR C 58 -23.72 22.87 2.75
CA THR C 58 -22.43 23.32 3.22
C THR C 58 -22.44 23.40 4.75
N TYR C 59 -21.25 23.34 5.34
CA TYR C 59 -21.06 23.61 6.76
C TYR C 59 -19.98 24.68 6.93
N TYR C 60 -20.17 25.56 7.92
CA TYR C 60 -19.12 26.49 8.35
C TYR C 60 -19.02 26.50 9.87
N ALA C 61 -17.80 26.60 10.38
CA ALA C 61 -17.64 26.84 11.81
C ALA C 61 -18.05 28.28 12.12
N ASP C 62 -18.66 28.48 13.29
CA ASP C 62 -19.10 29.84 13.63
C ASP C 62 -17.97 30.85 13.57
N SER C 63 -16.72 30.40 13.75
CA SER C 63 -15.61 31.35 13.78
C SER C 63 -15.30 31.93 12.41
N VAL C 64 -15.76 31.30 11.34
CA VAL C 64 -15.48 31.72 9.98
C VAL C 64 -16.72 32.04 9.18
N LYS C 65 -17.91 31.64 9.68
CA LYS C 65 -19.13 31.93 8.94
C LYS C 65 -19.29 33.44 8.80
N GLY C 66 -19.69 33.85 7.60
CA GLY C 66 -19.74 35.25 7.29
C GLY C 66 -18.46 35.84 6.74
N ARG C 67 -17.39 35.05 6.57
CA ARG C 67 -16.18 35.62 6.01
C ARG C 67 -15.26 34.62 5.31
N PHE C 68 -15.48 33.31 5.52
CA PHE C 68 -14.99 32.29 4.61
C PHE C 68 -16.14 31.86 3.70
N THR C 69 -15.83 31.49 2.47
CA THR C 69 -16.80 30.83 1.60
C THR C 69 -16.13 29.64 0.93
N ILE C 70 -16.84 28.53 0.84
CA ILE C 70 -16.36 27.32 0.20
C ILE C 70 -17.12 27.09 -1.09
N SER C 71 -16.44 26.51 -2.07
CA SER C 71 -17.06 26.22 -3.36
C SER C 71 -16.36 25.04 -4.03
N ARG C 72 -17.01 24.52 -5.07
CA ARG C 72 -16.59 23.28 -5.73
C ARG C 72 -16.66 23.47 -7.24
N ASP C 73 -15.73 22.81 -7.94
CA ASP C 73 -15.70 22.78 -9.40
C ASP C 73 -15.42 21.34 -9.81
N ASN C 74 -16.47 20.59 -10.12
CA ASN C 74 -16.28 19.19 -10.49
C ASN C 74 -15.51 19.05 -11.80
N ALA C 75 -15.60 20.05 -12.68
CA ALA C 75 -14.91 19.95 -13.97
C ALA C 75 -13.40 19.94 -13.79
N LYS C 76 -12.91 20.53 -12.70
CA LYS C 76 -11.49 20.56 -12.39
C LYS C 76 -11.15 19.67 -11.19
N ASN C 77 -12.11 18.92 -10.68
CA ASN C 77 -11.90 18.07 -9.51
C ASN C 77 -11.22 18.85 -8.40
N THR C 78 -11.78 20.01 -8.10
CA THR C 78 -11.16 20.94 -7.17
C THR C 78 -12.19 21.59 -6.27
N VAL C 79 -11.86 21.70 -4.99
CA VAL C 79 -12.60 22.51 -4.04
C VAL C 79 -11.78 23.74 -3.71
N TYR C 80 -12.47 24.84 -3.34
CA TYR C 80 -11.81 26.09 -2.97
C TYR C 80 -12.32 26.52 -1.60
N LEU C 81 -11.39 26.97 -0.75
CA LEU C 81 -11.72 27.71 0.46
C LEU C 81 -11.33 29.16 0.22
N GLN C 82 -12.31 30.04 0.10
CA GLN C 82 -12.06 31.46 -0.17
C GLN C 82 -12.09 32.24 1.13
N MET C 83 -10.91 32.57 1.65
CA MET C 83 -10.86 33.26 2.94
C MET C 83 -10.90 34.76 2.69
N ASN C 84 -12.08 35.34 2.87
CA ASN C 84 -12.26 36.78 2.95
C ASN C 84 -12.06 37.25 4.39
N SER C 85 -11.74 38.53 4.54
CA SER C 85 -11.67 39.19 5.83
C SER C 85 -10.93 38.33 6.85
N LEU C 86 -9.63 38.20 6.61
CA LEU C 86 -8.81 37.32 7.42
C LEU C 86 -8.43 38.00 8.74
N LYS C 87 -8.27 37.18 9.77
CA LYS C 87 -7.91 37.65 11.10
C LYS C 87 -6.66 36.92 11.58
N PRO C 88 -5.86 37.53 12.47
CA PRO C 88 -4.78 36.77 13.10
C PRO C 88 -5.26 35.45 13.69
N GLU C 89 -6.52 35.35 14.08
CA GLU C 89 -7.00 34.09 14.65
C GLU C 89 -6.90 32.96 13.62
N ASP C 90 -6.84 33.30 12.34
CA ASP C 90 -6.91 32.32 11.27
C ASP C 90 -5.55 31.71 10.91
N SER C 91 -4.48 32.15 11.56
CA SER C 91 -3.16 31.62 11.24
C SER C 91 -3.09 30.15 11.63
N ALA C 92 -2.81 29.30 10.64
CA ALA C 92 -2.74 27.87 10.92
C ALA C 92 -2.26 27.15 9.67
N VAL C 93 -2.00 25.86 9.85
CA VAL C 93 -1.89 24.94 8.73
C VAL C 93 -3.29 24.53 8.32
N TYR C 94 -3.61 24.65 7.04
CA TYR C 94 -4.93 24.28 6.55
C TYR C 94 -4.82 22.97 5.79
N TYR C 95 -5.82 22.10 5.98
CA TYR C 95 -5.81 20.76 5.42
C TYR C 95 -7.06 20.54 4.58
N CYS C 96 -6.86 19.99 3.38
CA CYS C 96 -7.96 19.53 2.56
C CYS C 96 -8.28 18.07 2.88
N ALA C 97 -9.56 17.73 2.91
CA ALA C 97 -9.99 16.39 3.26
C ALA C 97 -11.15 15.96 2.37
N ALA C 98 -11.18 14.69 2.02
CA ALA C 98 -12.23 14.14 1.18
C ALA C 98 -12.83 12.92 1.86
N GLU C 99 -14.11 12.70 1.59
CA GLU C 99 -14.83 11.54 2.12
C GLU C 99 -15.87 11.15 1.07
N ARG C 100 -15.78 9.94 0.55
CA ARG C 100 -16.70 9.54 -0.50
C ARG C 100 -18.06 9.13 0.07
N TRP C 101 -19.10 9.45 -0.69
CA TRP C 101 -20.45 8.96 -0.44
C TRP C 101 -21.16 9.70 0.70
N LEU C 102 -20.40 10.16 1.69
CA LEU C 102 -20.99 10.92 2.79
C LEU C 102 -21.78 12.09 2.22
N ALA C 103 -23.02 12.27 2.67
CA ALA C 103 -23.85 13.29 2.03
C ALA C 103 -23.79 14.62 2.78
N THR C 104 -23.44 14.59 4.06
CA THR C 104 -23.59 15.75 4.93
C THR C 104 -22.24 16.16 5.51
N PRO C 105 -21.80 17.40 5.28
CA PRO C 105 -20.39 17.72 5.59
C PRO C 105 -20.07 17.89 7.07
N GLN C 106 -21.02 18.32 7.91
CA GLN C 106 -20.68 18.51 9.31
C GLN C 106 -20.17 17.22 9.96
N ALA C 107 -20.54 16.07 9.39
CA ALA C 107 -20.15 14.79 9.99
C ALA C 107 -18.68 14.46 9.75
N MET C 108 -17.99 15.22 8.90
CA MET C 108 -16.56 14.98 8.72
C MET C 108 -15.79 15.24 10.01
N ALA C 109 -16.30 16.12 10.86
CA ALA C 109 -15.52 16.54 12.02
C ALA C 109 -15.56 15.52 13.15
N VAL C 110 -16.40 14.50 13.06
CA VAL C 110 -16.62 13.64 14.21
C VAL C 110 -15.45 12.70 14.42
N THR C 111 -14.91 12.15 13.33
CA THR C 111 -13.77 11.22 13.40
C THR C 111 -12.86 11.52 12.21
N PRO C 112 -12.15 12.65 12.27
CA PRO C 112 -11.36 13.05 11.09
C PRO C 112 -10.28 12.07 10.70
N ASN C 113 -9.71 11.32 11.65
CA ASN C 113 -8.65 10.39 11.31
C ASN C 113 -9.15 9.18 10.53
N ALA C 114 -10.46 9.03 10.36
CA ALA C 114 -11.03 7.93 9.60
C ALA C 114 -11.44 8.34 8.19
N LEU C 115 -11.22 9.59 7.82
CA LEU C 115 -11.71 10.07 6.54
C LEU C 115 -10.87 9.51 5.40
N ASP C 116 -11.47 9.51 4.20
CA ASP C 116 -10.88 8.78 3.09
C ASP C 116 -9.47 9.29 2.75
N ALA C 117 -9.31 10.60 2.65
CA ALA C 117 -8.05 11.13 2.14
C ALA C 117 -7.80 12.51 2.73
N TRP C 118 -6.51 12.83 2.80
CA TRP C 118 -6.02 14.11 3.31
C TRP C 118 -4.92 14.63 2.42
N GLY C 119 -4.78 15.95 2.35
CA GLY C 119 -3.58 16.53 1.83
C GLY C 119 -2.61 16.87 2.95
N GLN C 120 -1.32 16.84 2.63
CA GLN C 120 -0.32 17.44 3.50
C GLN C 120 -0.48 18.95 3.46
N GLY C 121 -0.85 19.52 4.59
CA GLY C 121 -1.43 20.84 4.65
C GLY C 121 -0.62 21.99 4.09
N THR C 122 -1.24 23.18 4.10
CA THR C 122 -0.63 24.41 3.63
C THR C 122 -0.69 25.45 4.74
N GLN C 123 0.43 26.10 5.01
CA GLN C 123 0.48 27.06 6.09
C GLN C 123 -0.07 28.42 5.63
N VAL C 124 -0.88 29.05 6.48
CA VAL C 124 -1.39 30.39 6.24
C VAL C 124 -1.02 31.25 7.44
N THR C 125 -0.24 32.30 7.20
CA THR C 125 0.22 33.18 8.24
C THR C 125 -0.40 34.56 8.04
N VAL C 126 -1.06 35.06 9.06
CA VAL C 126 -1.79 36.32 8.99
C VAL C 126 -1.10 37.32 9.91
N SER C 127 -0.74 38.46 9.35
CA SER C 127 -0.12 39.53 10.12
C SER C 127 -1.03 40.74 10.18
N GLN D 1 9.52 -6.60 4.96
CA GLN D 1 9.80 -8.01 4.57
C GLN D 1 8.55 -8.88 4.71
N VAL D 2 8.13 -9.50 3.61
CA VAL D 2 7.08 -10.50 3.67
C VAL D 2 7.69 -11.86 3.96
N GLN D 3 7.03 -12.64 4.80
CA GLN D 3 7.28 -14.07 4.90
C GLN D 3 6.29 -14.79 3.99
N LEU D 4 6.71 -15.90 3.40
CA LEU D 4 5.87 -16.69 2.52
C LEU D 4 5.76 -18.09 3.10
N VAL D 5 4.59 -18.71 2.96
CA VAL D 5 4.31 -20.03 3.52
C VAL D 5 3.73 -20.92 2.44
N GLU D 6 4.44 -21.99 2.10
CA GLU D 6 3.92 -22.96 1.15
C GLU D 6 2.91 -23.88 1.82
N SER D 7 1.87 -24.22 1.07
CA SER D 7 0.93 -25.25 1.47
C SER D 7 0.78 -26.22 0.30
N GLY D 8 0.19 -27.35 0.59
CA GLY D 8 0.07 -28.39 -0.40
C GLY D 8 1.30 -29.28 -0.40
N GLY D 9 1.36 -30.13 -1.41
CA GLY D 9 2.43 -31.08 -1.55
C GLY D 9 2.01 -32.48 -1.15
N GLY D 10 3.01 -33.33 -0.97
CA GLY D 10 2.78 -34.68 -0.53
C GLY D 10 3.17 -35.70 -1.59
N LEU D 11 2.60 -36.88 -1.43
CA LEU D 11 2.90 -38.00 -2.31
C LEU D 11 1.75 -38.24 -3.26
N VAL D 12 2.06 -38.80 -4.42
CA VAL D 12 1.04 -39.15 -5.41
C VAL D 12 1.65 -40.16 -6.37
N GLN D 13 0.78 -40.89 -7.05
CA GLN D 13 1.25 -41.81 -8.08
C GLN D 13 1.58 -41.05 -9.36
N ALA D 14 2.36 -41.70 -10.22
CA ALA D 14 2.67 -41.11 -11.53
C ALA D 14 1.38 -40.94 -12.32
N GLY D 15 1.22 -39.74 -12.90
CA GLY D 15 0.01 -39.39 -13.62
C GLY D 15 -1.02 -38.64 -12.81
N GLY D 16 -0.83 -38.55 -11.49
CA GLY D 16 -1.78 -37.90 -10.61
C GLY D 16 -1.51 -36.40 -10.51
N SER D 17 -2.16 -35.79 -9.53
CA SER D 17 -2.13 -34.34 -9.43
C SER D 17 -1.98 -33.89 -7.99
N LEU D 18 -1.52 -32.65 -7.85
CA LEU D 18 -1.41 -31.98 -6.57
C LEU D 18 -1.48 -30.48 -6.83
N ARG D 19 -1.92 -29.72 -5.83
CA ARG D 19 -1.89 -28.27 -5.91
C ARG D 19 -1.03 -27.69 -4.78
N LEU D 20 -0.13 -26.78 -5.14
CA LEU D 20 0.65 -26.02 -4.19
C LEU D 20 0.04 -24.64 -4.01
N SER D 21 0.09 -24.12 -2.79
CA SER D 21 -0.37 -22.78 -2.47
C SER D 21 0.74 -22.02 -1.75
N CYS D 22 0.72 -20.70 -1.87
CA CYS D 22 1.69 -19.84 -1.19
C CYS D 22 1.02 -18.52 -0.85
N ALA D 23 0.86 -18.25 0.45
CA ALA D 23 0.25 -17.02 0.93
C ALA D 23 1.33 -16.09 1.47
N ALA D 24 1.15 -14.78 1.26
CA ALA D 24 2.18 -13.80 1.54
C ALA D 24 1.80 -12.95 2.74
N SER D 25 2.81 -12.53 3.50
CA SER D 25 2.55 -12.06 4.85
C SER D 25 1.96 -10.66 4.90
N GLY D 26 1.96 -9.94 3.79
CA GLY D 26 1.50 -8.58 3.83
C GLY D 26 0.96 -8.11 2.49
N ARG D 27 0.70 -6.82 2.42
CA ARG D 27 0.03 -6.24 1.28
C ARG D 27 0.97 -5.93 0.13
N THR D 28 2.19 -6.45 0.13
CA THR D 28 3.06 -6.25 -1.04
C THR D 28 2.76 -7.23 -2.16
N PHE D 29 1.85 -8.18 -1.94
CA PHE D 29 1.65 -9.27 -2.89
C PHE D 29 1.16 -8.74 -4.23
N SER D 30 0.19 -7.82 -4.21
CA SER D 30 -0.41 -7.37 -5.45
C SER D 30 0.55 -6.59 -6.33
N SER D 31 1.73 -6.23 -5.82
CA SER D 31 2.76 -5.55 -6.62
C SER D 31 4.03 -6.40 -6.74
N SER D 32 3.91 -7.70 -6.54
CA SER D 32 5.05 -8.61 -6.59
C SER D 32 4.85 -9.65 -7.68
N THR D 33 5.88 -9.89 -8.48
CA THR D 33 5.90 -11.07 -9.33
C THR D 33 6.25 -12.29 -8.50
N MET D 34 5.48 -13.37 -8.69
CA MET D 34 5.61 -14.57 -7.86
C MET D 34 6.06 -15.77 -8.69
N GLY D 35 6.76 -16.69 -8.03
CA GLY D 35 7.34 -17.81 -8.76
C GLY D 35 7.54 -19.03 -7.89
N TRP D 36 7.70 -20.17 -8.57
CA TRP D 36 7.96 -21.45 -7.91
C TRP D 36 9.29 -21.99 -8.40
N PHE D 37 10.17 -22.31 -7.45
CA PHE D 37 11.41 -23.03 -7.69
C PHE D 37 11.27 -24.45 -7.17
N ARG D 38 12.16 -25.33 -7.63
CA ARG D 38 12.22 -26.69 -7.14
C ARG D 38 13.66 -27.19 -7.13
N GLN D 39 13.96 -28.06 -6.17
CA GLN D 39 15.29 -28.64 -6.02
C GLN D 39 15.13 -30.09 -5.59
N ALA D 40 15.40 -31.02 -6.52
CA ALA D 40 15.42 -32.42 -6.13
C ALA D 40 16.71 -32.72 -5.36
N PRO D 41 16.73 -33.80 -4.59
CA PRO D 41 17.97 -34.15 -3.88
C PRO D 41 19.11 -34.42 -4.85
N GLY D 42 20.25 -33.80 -4.58
CA GLY D 42 21.43 -34.00 -5.39
C GLY D 42 21.51 -33.06 -6.56
N LYS D 43 20.38 -32.83 -7.24
CA LYS D 43 20.41 -32.02 -8.44
C LYS D 43 20.34 -30.53 -8.12
N GLU D 44 20.46 -29.72 -9.15
CA GLU D 44 20.49 -28.27 -8.97
C GLU D 44 19.06 -27.73 -8.85
N ARG D 45 18.97 -26.42 -8.58
CA ARG D 45 17.67 -25.76 -8.44
C ARG D 45 17.17 -25.26 -9.79
N GLU D 46 15.86 -25.31 -9.97
CA GLU D 46 15.22 -25.07 -11.26
C GLU D 46 14.03 -24.15 -11.05
N PHE D 47 13.94 -23.11 -11.87
CA PHE D 47 12.78 -22.23 -11.85
C PHE D 47 11.65 -22.91 -12.60
N VAL D 48 10.50 -23.07 -11.96
CA VAL D 48 9.43 -23.90 -12.51
C VAL D 48 8.40 -23.01 -13.21
N ALA D 49 7.87 -22.02 -12.50
CA ALA D 49 6.81 -21.20 -13.06
C ALA D 49 6.72 -19.89 -12.32
N GLY D 50 6.25 -18.87 -13.03
CA GLY D 50 6.15 -17.53 -12.48
C GLY D 50 5.03 -16.77 -13.16
N ILE D 51 4.63 -15.67 -12.52
CA ILE D 51 3.43 -14.94 -12.92
C ILE D 51 3.57 -13.50 -12.46
N SER D 52 3.22 -12.56 -13.33
CA SER D 52 3.48 -11.16 -13.07
C SER D 52 2.31 -10.50 -12.35
N TRP D 53 2.59 -9.36 -11.73
CA TRP D 53 1.55 -8.56 -11.10
C TRP D 53 1.00 -7.49 -11.99
N SER D 54 1.67 -7.20 -13.11
CA SER D 54 1.47 -5.96 -13.85
C SER D 54 0.95 -6.14 -15.26
N ASP D 55 1.44 -7.13 -16.02
CA ASP D 55 0.98 -7.32 -17.39
C ASP D 55 0.45 -8.72 -17.65
N GLY D 56 0.22 -9.51 -16.61
CA GLY D 56 -0.39 -10.81 -16.76
C GLY D 56 0.50 -11.89 -17.32
N SER D 57 1.75 -11.57 -17.66
CA SER D 57 2.63 -12.55 -18.29
C SER D 57 2.94 -13.70 -17.33
N THR D 58 3.02 -14.90 -17.87
CA THR D 58 3.38 -16.10 -17.12
C THR D 58 4.63 -16.72 -17.74
N TYR D 59 5.35 -17.50 -16.94
CA TYR D 59 6.47 -18.30 -17.44
C TYR D 59 6.33 -19.74 -16.98
N TYR D 60 6.63 -20.68 -17.88
CA TYR D 60 6.67 -22.10 -17.56
C TYR D 60 7.96 -22.70 -18.08
N ALA D 61 8.53 -23.64 -17.32
CA ALA D 61 9.75 -24.29 -17.78
C ALA D 61 9.41 -25.36 -18.81
N ASP D 62 10.35 -25.61 -19.73
CA ASP D 62 10.12 -26.64 -20.73
C ASP D 62 9.72 -27.97 -20.10
N SER D 63 10.24 -28.26 -18.90
CA SER D 63 10.05 -29.59 -18.34
C SER D 63 8.65 -29.81 -17.78
N VAL D 64 7.86 -28.74 -17.65
CA VAL D 64 6.53 -28.80 -17.07
C VAL D 64 5.47 -28.14 -17.96
N LYS D 65 5.82 -27.76 -19.18
CA LYS D 65 4.90 -27.00 -20.01
C LYS D 65 3.72 -27.87 -20.39
N GLY D 66 2.52 -27.32 -20.25
CA GLY D 66 1.33 -28.01 -20.69
C GLY D 66 0.67 -28.90 -19.67
N ARG D 67 1.27 -29.10 -18.50
CA ARG D 67 0.71 -29.96 -17.46
C ARG D 67 0.79 -29.36 -16.06
N PHE D 68 1.49 -28.24 -15.87
CA PHE D 68 1.34 -27.38 -14.72
C PHE D 68 0.57 -26.14 -15.16
N THR D 69 -0.21 -25.55 -14.26
CA THR D 69 -0.72 -24.20 -14.47
C THR D 69 -0.51 -23.36 -13.22
N ILE D 70 -0.15 -22.10 -13.41
CA ILE D 70 0.07 -21.15 -12.33
C ILE D 70 -1.06 -20.14 -12.32
N SER D 71 -1.53 -19.78 -11.12
CA SER D 71 -2.62 -18.83 -10.95
C SER D 71 -2.42 -18.01 -9.70
N ARG D 72 -3.34 -17.06 -9.48
CA ARG D 72 -3.06 -15.90 -8.65
C ARG D 72 -4.36 -15.26 -8.20
N ASP D 73 -4.47 -14.99 -6.89
CA ASP D 73 -5.64 -14.36 -6.30
C ASP D 73 -5.16 -13.22 -5.40
N ASN D 74 -5.15 -12.00 -5.93
CA ASN D 74 -4.65 -10.88 -5.13
C ASN D 74 -5.50 -10.64 -3.89
N ALA D 75 -6.77 -11.05 -3.92
CA ALA D 75 -7.63 -10.84 -2.75
C ALA D 75 -7.27 -11.80 -1.62
N LYS D 76 -6.77 -12.98 -1.97
CA LYS D 76 -6.25 -13.93 -1.00
C LYS D 76 -4.76 -13.75 -0.72
N ASN D 77 -4.10 -12.83 -1.43
CA ASN D 77 -2.65 -12.64 -1.32
C ASN D 77 -1.92 -13.97 -1.47
N THR D 78 -2.30 -14.73 -2.50
CA THR D 78 -1.86 -16.11 -2.63
C THR D 78 -1.64 -16.46 -4.11
N VAL D 79 -0.57 -17.21 -4.38
CA VAL D 79 -0.37 -17.84 -5.67
C VAL D 79 -0.61 -19.34 -5.52
N TYR D 80 -0.92 -20.00 -6.64
CA TYR D 80 -1.14 -21.44 -6.67
C TYR D 80 -0.34 -22.06 -7.80
N LEU D 81 0.06 -23.32 -7.62
CA LEU D 81 0.69 -24.10 -8.69
C LEU D 81 -0.04 -25.42 -8.79
N GLN D 82 -0.88 -25.56 -9.80
CA GLN D 82 -1.58 -26.83 -9.97
C GLN D 82 -0.76 -27.69 -10.89
N MET D 83 -0.40 -28.86 -10.38
CA MET D 83 0.48 -29.81 -11.03
C MET D 83 -0.34 -31.03 -11.40
N ASN D 84 -0.34 -31.37 -12.69
CA ASN D 84 -1.10 -32.48 -13.21
C ASN D 84 -0.17 -33.35 -14.04
N SER D 85 -0.63 -34.57 -14.30
CA SER D 85 0.17 -35.55 -15.02
C SER D 85 1.60 -35.61 -14.47
N LEU D 86 1.70 -35.79 -13.16
CA LEU D 86 2.99 -35.71 -12.50
C LEU D 86 3.87 -36.91 -12.85
N LYS D 87 5.17 -36.67 -12.82
CA LYS D 87 6.16 -37.68 -13.18
C LYS D 87 7.13 -37.90 -12.03
N PRO D 88 7.78 -39.07 -11.96
CA PRO D 88 8.79 -39.29 -10.90
C PRO D 88 9.84 -38.20 -10.86
N GLU D 89 10.24 -37.69 -12.03
CA GLU D 89 11.26 -36.66 -12.12
C GLU D 89 10.76 -35.30 -11.64
N ASP D 90 9.49 -35.18 -11.27
CA ASP D 90 8.98 -33.97 -10.66
C ASP D 90 9.20 -33.92 -9.15
N SER D 91 9.70 -35.00 -8.57
CA SER D 91 9.79 -35.09 -7.12
C SER D 91 10.90 -34.18 -6.62
N ALA D 92 10.55 -33.29 -5.70
CA ALA D 92 11.52 -32.34 -5.18
C ALA D 92 10.87 -31.56 -4.08
N VAL D 93 11.67 -30.75 -3.40
CA VAL D 93 11.16 -29.67 -2.57
C VAL D 93 10.82 -28.50 -3.49
N TYR D 94 9.63 -27.95 -3.33
CA TYR D 94 9.16 -26.82 -4.12
C TYR D 94 9.15 -25.56 -3.25
N TYR D 95 9.83 -24.52 -3.71
CA TYR D 95 9.99 -23.28 -2.96
C TYR D 95 9.19 -22.14 -3.61
N CYS D 96 8.46 -21.39 -2.78
CA CYS D 96 7.81 -20.16 -3.23
C CYS D 96 8.76 -18.98 -3.08
N ALA D 97 8.66 -18.02 -4.00
CA ALA D 97 9.56 -16.88 -4.03
C ALA D 97 8.87 -15.66 -4.61
N ALA D 98 9.09 -14.51 -3.97
CA ALA D 98 8.46 -13.27 -4.36
C ALA D 98 9.52 -12.22 -4.69
N GLU D 99 9.17 -11.31 -5.60
CA GLU D 99 10.05 -10.22 -6.00
C GLU D 99 9.19 -9.03 -6.37
N ARG D 100 9.34 -7.92 -5.65
CA ARG D 100 8.45 -6.79 -5.85
C ARG D 100 8.83 -5.98 -7.09
N TRP D 101 7.80 -5.47 -7.77
CA TRP D 101 7.96 -4.50 -8.84
C TRP D 101 8.44 -5.10 -10.16
N LEU D 102 9.28 -6.14 -10.08
CA LEU D 102 9.67 -6.87 -11.28
C LEU D 102 8.44 -7.23 -12.08
N ALA D 103 8.46 -6.94 -13.38
CA ALA D 103 7.31 -7.26 -14.22
C ALA D 103 7.42 -8.63 -14.87
N THR D 104 8.63 -9.16 -15.01
CA THR D 104 8.85 -10.33 -15.83
C THR D 104 9.14 -11.53 -14.94
N PRO D 105 8.30 -12.58 -14.95
CA PRO D 105 8.60 -13.73 -14.10
C PRO D 105 9.87 -14.48 -14.51
N GLN D 106 10.17 -14.55 -15.81
CA GLN D 106 11.33 -15.31 -16.24
C GLN D 106 12.62 -14.76 -15.65
N ALA D 107 12.65 -13.47 -15.31
CA ALA D 107 13.87 -12.87 -14.80
C ALA D 107 14.20 -13.31 -13.38
N MET D 108 13.27 -13.97 -12.70
CA MET D 108 13.57 -14.44 -11.35
C MET D 108 14.63 -15.53 -11.35
N ALA D 109 14.78 -16.23 -12.47
CA ALA D 109 15.71 -17.36 -12.53
C ALA D 109 17.15 -16.93 -12.66
N VAL D 110 17.42 -15.63 -12.82
CA VAL D 110 18.78 -15.20 -13.12
C VAL D 110 19.62 -15.12 -11.86
N THR D 111 19.05 -14.59 -10.78
CA THR D 111 19.78 -14.40 -9.52
C THR D 111 18.86 -14.74 -8.36
N PRO D 112 18.51 -16.02 -8.22
CA PRO D 112 17.50 -16.39 -7.21
C PRO D 112 17.89 -16.04 -5.79
N ASN D 113 19.18 -16.04 -5.45
CA ASN D 113 19.54 -15.73 -4.07
C ASN D 113 19.34 -14.27 -3.71
N ALA D 114 18.93 -13.44 -4.66
CA ALA D 114 18.75 -12.02 -4.42
C ALA D 114 17.29 -11.60 -4.41
N LEU D 115 16.36 -12.54 -4.49
CA LEU D 115 14.96 -12.19 -4.56
C LEU D 115 14.46 -11.71 -3.20
N ASP D 116 13.35 -10.98 -3.21
CA ASP D 116 12.90 -10.32 -2.00
C ASP D 116 12.60 -11.31 -0.88
N ALA D 117 11.96 -12.43 -1.23
CA ALA D 117 11.44 -13.33 -0.20
C ALA D 117 11.37 -14.75 -0.73
N TRP D 118 11.55 -15.71 0.19
CA TRP D 118 11.47 -17.13 -0.09
C TRP D 118 10.60 -17.80 0.96
N GLY D 119 9.93 -18.88 0.56
CA GLY D 119 9.30 -19.74 1.54
C GLY D 119 10.28 -20.75 2.09
N GLN D 120 9.81 -21.54 3.07
CA GLN D 120 10.66 -22.59 3.63
C GLN D 120 10.59 -23.89 2.84
N GLY D 121 9.73 -23.98 1.85
CA GLY D 121 9.68 -25.19 1.03
C GLY D 121 8.56 -26.13 1.44
N THR D 122 8.10 -26.89 0.45
CA THR D 122 7.15 -27.97 0.66
C THR D 122 7.55 -29.15 -0.20
N GLN D 123 7.34 -30.35 0.32
CA GLN D 123 7.84 -31.55 -0.35
C GLN D 123 6.84 -32.09 -1.35
N VAL D 124 7.37 -32.65 -2.44
CA VAL D 124 6.57 -33.33 -3.44
C VAL D 124 7.31 -34.59 -3.86
N THR D 125 6.62 -35.72 -3.83
CA THR D 125 7.17 -37.00 -4.26
C THR D 125 6.16 -37.72 -5.11
N VAL D 126 6.63 -38.36 -6.18
CA VAL D 126 5.78 -39.05 -7.15
C VAL D 126 6.26 -40.48 -7.28
N SER D 127 5.36 -41.42 -7.04
CA SER D 127 5.71 -42.83 -7.04
C SER D 127 5.53 -43.47 -8.41
#